data_6HKJ
#
_entry.id   6HKJ
#
_cell.length_a   102.296
_cell.length_b   131.658
_cell.length_c   160.019
_cell.angle_alpha   90.00
_cell.angle_beta   90.00
_cell.angle_gamma   90.00
#
_symmetry.space_group_name_H-M   'I 2 2 2'
#
loop_
_entity.id
_entity.type
_entity.pdbx_description
1 polymer 'Glutamate carboxypeptidase 2'
2 branched 2-acetamido-2-deoxy-beta-D-glucopyranose-(1-4)-2-acetamido-2-deoxy-beta-D-glucopyranose
3 branched alpha-D-mannopyranose-(1-3)-beta-D-mannopyranose-(1-4)-2-acetamido-2-deoxy-beta-D-glucopyranose-(1-4)-2-acetamido-2-deoxy-beta-D-glucopyranose
4 non-polymer 2-acetamido-2-deoxy-beta-D-glucopyranose
5 non-polymer 'ZINC ION'
6 non-polymer 'CALCIUM ION'
7 non-polymer 'CHLORIDE ION'
8 non-polymer TRIS(HYDROXYETHYL)AMINOMETHANE
9 non-polymer '(2~{S})-2-[[(2~{S})-6-[(6-fluoranylpyridin-3-yl)amino]-1-oxidanyl-1,6-bis(oxidanylidene)hexan-2-yl]carbamoylamino]pentanedioic acid'
10 water water
#
_entity_poly.entity_id   1
_entity_poly.type   'polypeptide(L)'
_entity_poly.pdbx_seq_one_letter_code
;KSSNEATNITPKHNMKAFLDELKAENIKKFLYNFTQIPHLAGTEQNFQLAKQIQSQWKEFGLDSVELAHYDVLLSYPNKT
HPNYISIINEDGNEIFNTSLFEPPPPGYENVSDIVPPFSAFSPQGMPEGDLVYVNYARTEDFFKLERDMKINCSGKIVIA
RYGKVFRGNKVKNAQLAGAKGVILYSDPADYFAPGVKSYPDGWNLPGGGVQRGNILNLNGAGDPLTPGYPANEYAYRRGI
AEAVGLPSIPVHPIGYYDAQKLLEKMGGSAPPDSSWRGSLKVPYNVGPGFTGNFSTQKVKMHIHSTNEVTRIYNVIGTLR
GAVEPDRYVILGGHRDSWVFGGIDPQSGAAVVHEIVRSFGTLKKEGWRPRRTILFASWDAEEFGLLGSTEWAEENSRLLQ
ERGVAYINADSSIEGNYTLRVDCTPLMYSLVHNLTKELKSPDEGFEGKSLYESWTKKSPSPEFSGMPRISKLGSGNDFEV
FFQRLGIASGRARYTKNWETNKFSGYPLYHSVYETYELVEKFYDPMFKYHLTVAQVRGGMVFELANSIVLPFDCRDYAVV
LRKYADKIYSISMKHPQEMKTYSVSFDSLFSAVKNFTEIASKFSERLQDFDKSNPIVLRMMNDQLMFLERAFIDPLGLPD
RPFYRHVIYAPSSHNKYAGESFPGIYDALFDIESKVDPSKAWGEVKRQIYVAAFTVQAAAETLSEVA
;
_entity_poly.pdbx_strand_id   A
#
# COMPACT_ATOMS: atom_id res chain seq x y z
N LYS A 12 18.37 1.65 -33.75
CA LYS A 12 17.01 1.05 -33.49
C LYS A 12 16.36 1.70 -32.24
N HIS A 13 15.05 1.93 -32.29
CA HIS A 13 14.30 2.37 -31.11
C HIS A 13 13.56 1.17 -30.53
N ASN A 14 14.18 0.48 -29.57
CA ASN A 14 13.64 -0.77 -29.00
C ASN A 14 13.81 -0.70 -27.48
N MET A 15 13.50 -1.78 -26.75
CA MET A 15 13.53 -1.63 -25.28
C MET A 15 14.98 -1.32 -24.85
N LYS A 16 15.96 -1.85 -25.58
CA LYS A 16 17.35 -1.72 -25.13
C LYS A 16 17.80 -0.26 -25.23
N ALA A 17 17.40 0.43 -26.27
CA ALA A 17 17.71 1.86 -26.32
C ALA A 17 17.05 2.57 -25.13
N PHE A 18 15.80 2.21 -24.80
CA PHE A 18 15.13 2.83 -23.65
C PHE A 18 15.94 2.58 -22.39
N LEU A 19 16.21 1.31 -22.12
CA LEU A 19 16.89 0.93 -20.89
C LEU A 19 18.27 1.62 -20.78
N ASP A 20 19.02 1.73 -21.88
CA ASP A 20 20.44 2.21 -21.78
C ASP A 20 20.49 3.71 -21.51
N GLU A 21 19.48 4.45 -21.95
CA GLU A 21 19.46 5.89 -21.73
C GLU A 21 19.26 6.22 -20.23
N LEU A 22 18.68 5.31 -19.42
CA LEU A 22 18.50 5.54 -17.93
C LEU A 22 19.89 5.63 -17.22
N LYS A 23 20.11 6.60 -16.32
CA LYS A 23 21.41 6.73 -15.57
C LYS A 23 21.22 6.90 -14.06
N ALA A 24 22.03 6.15 -13.29
CA ALA A 24 22.10 6.19 -11.85
C ALA A 24 22.31 7.64 -11.40
N GLU A 25 23.23 8.31 -12.09
CA GLU A 25 23.67 9.66 -11.66
C GLU A 25 22.50 10.66 -11.81
N ASN A 26 21.63 10.50 -12.84
CA ASN A 26 20.39 11.35 -12.99
C ASN A 26 19.42 11.14 -11.81
N ILE A 27 19.22 9.90 -11.44
CA ILE A 27 18.30 9.58 -10.32
C ILE A 27 18.79 10.25 -9.03
N LYS A 28 20.10 10.15 -8.78
CA LYS A 28 20.75 10.75 -7.64
C LYS A 28 20.47 12.25 -7.60
N LYS A 29 20.72 12.92 -8.71
CA LYS A 29 20.48 14.38 -8.79
C LYS A 29 19.01 14.74 -8.48
N PHE A 30 18.08 13.98 -9.07
CA PHE A 30 16.64 14.27 -8.87
C PHE A 30 16.26 14.01 -7.41
N LEU A 31 16.82 13.00 -6.79
CA LEU A 31 16.44 12.69 -5.41
C LEU A 31 16.89 13.85 -4.52
N TYR A 32 18.12 14.31 -4.74
CA TYR A 32 18.66 15.45 -3.95
C TYR A 32 17.76 16.70 -4.16
N ASN A 33 17.42 16.97 -5.39
CA ASN A 33 16.52 18.11 -5.72
C ASN A 33 15.14 18.02 -5.03
N PHE A 34 14.62 16.78 -4.81
CA PHE A 34 13.22 16.60 -4.30
C PHE A 34 13.13 16.56 -2.76
N THR A 35 14.27 16.56 -2.05
CA THR A 35 14.30 16.23 -0.62
C THR A 35 14.98 17.30 0.27
N GLN A 36 15.20 18.52 -0.21
CA GLN A 36 15.84 19.65 0.61
C GLN A 36 14.84 20.35 1.53
N ILE A 37 13.58 20.43 1.11
CA ILE A 37 12.51 20.97 1.98
C ILE A 37 11.34 19.96 2.07
N PRO A 38 10.51 20.11 3.12
CA PRO A 38 9.31 19.28 3.26
C PRO A 38 8.23 19.57 2.20
N HIS A 39 7.51 18.51 1.80
CA HIS A 39 6.48 18.65 0.76
C HIS A 39 5.13 18.06 1.21
N LEU A 40 4.61 18.54 2.34
CA LEU A 40 3.40 18.02 2.95
C LEU A 40 2.17 18.33 2.06
N ALA A 41 1.25 17.36 1.91
CA ALA A 41 0.06 17.64 1.10
C ALA A 41 -0.68 18.88 1.61
N GLY A 42 -1.07 19.68 0.63
CA GLY A 42 -1.90 20.84 0.88
C GLY A 42 -1.07 22.08 1.17
N THR A 43 0.25 21.99 1.20
CA THR A 43 1.09 23.18 1.58
C THR A 43 1.64 23.83 0.31
N GLU A 44 2.11 25.06 0.46
CA GLU A 44 2.53 25.85 -0.71
C GLU A 44 3.76 25.19 -1.38
N GLN A 45 4.68 24.68 -0.57
CA GLN A 45 5.89 24.05 -1.08
C GLN A 45 5.54 22.83 -1.94
N ASN A 46 4.44 22.11 -1.63
CA ASN A 46 4.10 20.93 -2.47
C ASN A 46 3.49 21.40 -3.80
N PHE A 47 2.73 22.49 -3.77
CA PHE A 47 2.24 23.15 -5.06
C PHE A 47 3.43 23.58 -5.93
N GLN A 48 4.43 24.24 -5.35
CA GLN A 48 5.63 24.70 -6.12
C GLN A 48 6.31 23.49 -6.75
N LEU A 49 6.44 22.38 -6.02
CA LEU A 49 7.12 21.20 -6.65
C LEU A 49 6.29 20.61 -7.82
N ALA A 50 4.97 20.55 -7.63
CA ALA A 50 4.06 20.16 -8.75
C ALA A 50 4.32 21.03 -10.00
N LYS A 51 4.46 22.34 -9.81
N LYS A 51 4.44 22.34 -9.83
CA LYS A 51 4.69 23.30 -10.95
CA LYS A 51 4.68 23.28 -11.00
C LYS A 51 6.08 23.10 -11.58
C LYS A 51 6.09 23.06 -11.61
N GLN A 52 7.06 22.65 -10.75
CA GLN A 52 8.41 22.26 -11.29
C GLN A 52 8.30 20.94 -12.08
N ILE A 53 7.62 19.93 -11.56
CA ILE A 53 7.50 18.62 -12.27
C ILE A 53 6.78 18.85 -13.61
N GLN A 54 5.74 19.66 -13.62
CA GLN A 54 4.93 19.85 -14.86
C GLN A 54 5.83 20.46 -15.96
N SER A 55 6.51 21.54 -15.59
CA SER A 55 7.40 22.28 -16.51
C SER A 55 8.52 21.40 -17.07
N GLN A 56 9.12 20.54 -16.23
CA GLN A 56 10.22 19.60 -16.65
C GLN A 56 9.70 18.41 -17.49
N TRP A 57 8.58 17.78 -17.12
CA TRP A 57 7.99 16.78 -18.03
C TRP A 57 7.68 17.39 -19.44
N LYS A 58 7.22 18.63 -19.53
CA LYS A 58 7.08 19.31 -20.88
C LYS A 58 8.44 19.40 -21.57
N GLU A 59 9.47 19.91 -20.90
N GLU A 59 9.46 19.94 -20.88
CA GLU A 59 10.78 20.07 -21.51
CA GLU A 59 10.82 20.08 -21.45
C GLU A 59 11.32 18.67 -21.88
C GLU A 59 11.33 18.70 -21.87
N PHE A 60 11.02 17.65 -21.10
CA PHE A 60 11.50 16.30 -21.41
C PHE A 60 10.86 15.77 -22.71
N GLY A 61 9.78 16.37 -23.22
CA GLY A 61 9.16 15.96 -24.55
C GLY A 61 7.71 15.46 -24.51
N LEU A 62 7.06 15.34 -23.35
CA LEU A 62 5.71 14.71 -23.37
C LEU A 62 4.76 15.56 -24.23
N ASP A 63 3.73 14.97 -24.85
CA ASP A 63 2.76 15.75 -25.68
C ASP A 63 1.92 16.75 -24.92
N SER A 64 1.51 16.42 -23.70
CA SER A 64 0.79 17.40 -22.86
C SER A 64 1.04 17.09 -21.37
N VAL A 65 1.00 18.10 -20.51
CA VAL A 65 1.18 17.97 -19.10
C VAL A 65 0.27 18.99 -18.39
N GLU A 66 -0.65 18.47 -17.58
CA GLU A 66 -1.75 19.24 -16.92
C GLU A 66 -1.71 19.05 -15.39
N LEU A 67 -2.09 20.06 -14.59
CA LEU A 67 -2.46 19.77 -13.21
C LEU A 67 -3.94 19.39 -13.11
N ALA A 68 -4.29 18.42 -12.27
CA ALA A 68 -5.69 18.16 -11.92
C ALA A 68 -5.82 18.34 -10.40
N HIS A 69 -6.63 19.29 -10.01
CA HIS A 69 -6.77 19.72 -8.62
C HIS A 69 -8.12 19.23 -8.08
N TYR A 70 -8.20 18.98 -6.79
CA TYR A 70 -9.40 18.57 -6.03
C TYR A 70 -9.37 19.31 -4.68
N ASP A 71 -10.53 19.46 -4.05
CA ASP A 71 -10.61 19.99 -2.67
C ASP A 71 -11.12 18.92 -1.73
N VAL A 72 -10.19 18.41 -0.93
CA VAL A 72 -10.40 17.19 -0.14
C VAL A 72 -10.22 17.48 1.39
N LEU A 73 -10.75 16.63 2.23
CA LEU A 73 -10.50 16.71 3.70
C LEU A 73 -9.07 16.27 4.04
N LEU A 74 -8.27 17.16 4.63
CA LEU A 74 -6.96 16.85 5.20
C LEU A 74 -7.01 17.16 6.72
N SER A 75 -5.87 16.99 7.42
CA SER A 75 -5.77 17.09 8.88
C SER A 75 -4.40 17.66 9.29
N TYR A 76 -4.38 18.61 10.24
CA TYR A 76 -3.13 19.26 10.64
C TYR A 76 -3.12 19.58 12.14
N PRO A 77 -1.97 19.46 12.78
CA PRO A 77 -1.87 19.97 14.18
C PRO A 77 -2.13 21.48 14.26
N ASN A 78 -2.58 21.95 15.42
CA ASN A 78 -2.63 23.36 15.74
C ASN A 78 -1.23 23.87 16.18
N LYS A 79 -0.67 24.76 15.36
CA LYS A 79 0.66 25.43 15.59
C LYS A 79 0.78 26.09 16.97
N THR A 80 -0.27 26.68 17.49
CA THR A 80 -0.13 27.37 18.79
C THR A 80 -0.79 26.56 19.92
N HIS A 81 -1.21 25.33 19.70
CA HIS A 81 -1.77 24.55 20.79
C HIS A 81 -1.36 23.08 20.61
N PRO A 82 -0.14 22.77 21.01
CA PRO A 82 0.52 21.51 20.57
C PRO A 82 -0.09 20.25 21.19
N ASN A 83 0.02 19.15 20.47
CA ASN A 83 -0.45 17.81 20.95
C ASN A 83 0.63 17.24 21.88
N TYR A 84 0.19 16.63 22.98
CA TYR A 84 1.11 15.89 23.85
C TYR A 84 0.30 15.00 24.80
N ILE A 85 1.01 14.12 25.49
CA ILE A 85 0.45 13.20 26.49
C ILE A 85 1.14 13.41 27.85
N SER A 86 0.40 13.18 28.94
CA SER A 86 0.91 13.32 30.32
C SER A 86 0.61 12.11 31.24
N ILE A 87 1.51 11.93 32.22
CA ILE A 87 1.12 11.31 33.48
C ILE A 87 0.73 12.45 34.45
N ILE A 88 -0.42 12.31 35.06
CA ILE A 88 -0.92 13.33 36.02
C ILE A 88 -1.09 12.64 37.38
N ASN A 89 -0.89 13.39 38.48
CA ASN A 89 -1.06 12.82 39.85
C ASN A 89 -2.47 13.14 40.37
N GLU A 90 -2.79 12.61 41.56
CA GLU A 90 -4.05 12.89 42.27
C GLU A 90 -4.44 14.38 42.28
N ASP A 91 -3.47 15.30 42.35
CA ASP A 91 -3.78 16.74 42.31
C ASP A 91 -4.09 17.29 40.91
N GLY A 92 -3.88 16.50 39.86
CA GLY A 92 -3.93 17.04 38.51
C GLY A 92 -2.65 17.77 38.14
N ASN A 93 -1.52 17.48 38.79
CA ASN A 93 -0.24 17.99 38.31
C ASN A 93 0.33 17.02 37.25
N GLU A 94 0.85 17.62 36.19
CA GLU A 94 1.43 16.90 35.05
C GLU A 94 2.91 16.64 35.34
N ILE A 95 3.22 15.43 35.82
CA ILE A 95 4.61 15.11 36.26
C ILE A 95 5.46 14.55 35.11
N PHE A 96 4.85 14.17 34.00
CA PHE A 96 5.61 13.72 32.82
C PHE A 96 4.89 14.18 31.54
N ASN A 97 5.64 14.74 30.61
CA ASN A 97 5.13 15.27 29.35
C ASN A 97 5.89 14.60 28.20
N THR A 98 5.21 14.03 27.17
CA THR A 98 5.91 13.54 25.93
C THR A 98 6.45 14.73 25.11
N SER A 99 7.41 14.49 24.23
N SER A 99 7.41 14.47 24.21
CA SER A 99 8.04 15.52 23.39
CA SER A 99 8.07 15.46 23.34
C SER A 99 7.04 16.23 22.49
C SER A 99 7.06 16.21 22.46
N LEU A 100 7.38 17.46 22.13
CA LEU A 100 6.58 18.27 21.19
C LEU A 100 7.13 18.16 19.74
N PHE A 101 8.34 17.58 19.53
CA PHE A 101 8.99 17.55 18.20
C PHE A 101 10.09 16.49 18.22
N GLU A 102 10.44 15.90 17.08
CA GLU A 102 11.67 15.08 16.97
C GLU A 102 12.89 16.01 16.88
N PRO A 103 13.99 15.69 17.59
CA PRO A 103 15.30 16.42 17.45
C PRO A 103 15.71 16.43 15.97
N PRO A 104 15.86 17.62 15.37
CA PRO A 104 16.01 17.51 13.92
C PRO A 104 17.42 17.03 13.58
N PRO A 105 17.55 16.35 12.45
CA PRO A 105 18.85 15.85 12.01
C PRO A 105 19.88 16.96 11.68
N PRO A 106 21.19 16.61 11.73
CA PRO A 106 22.36 17.49 11.42
C PRO A 106 22.25 18.31 10.12
N GLY A 107 22.30 19.64 10.24
CA GLY A 107 22.21 20.52 9.06
C GLY A 107 20.79 21.00 8.70
N TYR A 108 19.78 20.41 9.33
CA TYR A 108 18.37 20.70 9.05
C TYR A 108 17.71 21.34 10.27
N GLU A 109 18.52 21.68 11.27
CA GLU A 109 18.01 22.19 12.55
C GLU A 109 17.42 23.62 12.35
N ASN A 110 17.54 24.23 11.15
CA ASN A 110 16.91 25.57 10.85
C ASN A 110 15.78 25.45 9.82
N VAL A 111 15.52 24.30 9.22
CA VAL A 111 14.39 24.16 8.31
C VAL A 111 13.08 24.35 9.12
N SER A 112 12.22 25.24 8.62
CA SER A 112 10.89 25.45 9.20
C SER A 112 9.84 24.61 8.46
N ASP A 113 8.67 24.63 9.07
CA ASP A 113 7.56 23.98 8.54
C ASP A 113 7.73 22.48 8.57
N ILE A 114 8.54 21.93 9.52
CA ILE A 114 8.54 20.48 9.75
C ILE A 114 7.30 20.12 10.58
N VAL A 115 6.35 19.37 10.02
CA VAL A 115 5.16 19.07 10.83
C VAL A 115 5.58 18.15 11.99
N PRO A 116 5.21 18.49 13.26
CA PRO A 116 5.49 17.63 14.40
C PRO A 116 4.74 16.29 14.31
N PRO A 117 5.17 15.26 15.04
CA PRO A 117 4.44 14.00 15.00
C PRO A 117 2.99 14.14 15.46
N PHE A 118 2.07 13.52 14.67
CA PHE A 118 0.65 13.46 14.90
C PHE A 118 0.03 12.28 14.12
N SER A 119 -1.14 11.85 14.56
CA SER A 119 -2.01 10.84 13.86
C SER A 119 -3.07 11.58 13.03
N ALA A 120 -2.83 11.68 11.70
CA ALA A 120 -3.79 12.43 10.84
C ALA A 120 -5.21 11.88 10.98
N PHE A 121 -6.14 12.82 11.16
CA PHE A 121 -7.64 12.68 11.27
C PHE A 121 -8.11 12.32 12.69
N SER A 122 -7.22 12.32 13.66
CA SER A 122 -7.68 12.20 15.10
C SER A 122 -8.72 13.28 15.42
N PRO A 123 -9.83 12.91 16.06
CA PRO A 123 -10.64 13.96 16.68
C PRO A 123 -9.91 14.69 17.83
N GLN A 124 -10.41 15.85 18.24
CA GLN A 124 -9.90 16.59 19.41
C GLN A 124 -10.44 15.94 20.67
N GLY A 125 -9.71 16.09 21.79
CA GLY A 125 -10.16 15.58 23.09
C GLY A 125 -9.05 15.71 24.10
N MET A 126 -9.40 15.58 25.39
CA MET A 126 -8.44 15.53 26.51
C MET A 126 -8.81 14.41 27.49
N PRO A 127 -9.09 13.19 26.99
CA PRO A 127 -9.45 12.11 27.92
C PRO A 127 -8.35 11.74 28.94
N GLU A 128 -8.76 11.41 30.16
CA GLU A 128 -7.85 10.95 31.27
C GLU A 128 -8.31 9.58 31.76
N GLY A 129 -7.41 8.70 32.13
CA GLY A 129 -7.83 7.33 32.45
C GLY A 129 -6.67 6.41 32.78
N ASP A 130 -6.95 5.13 33.00
CA ASP A 130 -5.89 4.10 33.22
C ASP A 130 -5.51 3.39 31.91
N LEU A 131 -4.25 2.98 31.84
CA LEU A 131 -3.60 2.46 30.62
C LEU A 131 -3.88 0.96 30.52
N VAL A 132 -4.19 0.45 29.32
CA VAL A 132 -4.08 -1.00 29.05
C VAL A 132 -3.12 -1.23 27.86
N TYR A 133 -2.24 -2.22 28.00
CA TYR A 133 -1.23 -2.54 27.00
C TYR A 133 -1.77 -3.70 26.16
N VAL A 134 -1.81 -3.54 24.83
CA VAL A 134 -2.60 -4.43 23.93
C VAL A 134 -1.70 -5.04 22.85
N ASN A 135 -0.40 -5.07 23.08
CA ASN A 135 0.55 -5.68 22.13
C ASN A 135 0.42 -4.95 20.77
N TYR A 136 0.16 -5.63 19.63
CA TYR A 136 0.13 -4.90 18.33
C TYR A 136 -1.30 -4.40 17.99
N ALA A 137 -2.25 -4.53 18.92
CA ALA A 137 -3.66 -4.22 18.73
C ALA A 137 -4.29 -4.95 17.53
N ARG A 138 -3.81 -6.14 17.16
CA ARG A 138 -4.47 -6.97 16.18
C ARG A 138 -5.77 -7.58 16.71
N THR A 139 -6.66 -7.99 15.80
CA THR A 139 -7.87 -8.77 16.20
C THR A 139 -7.55 -9.85 17.26
N GLU A 140 -6.52 -10.63 17.06
CA GLU A 140 -6.20 -11.78 17.93
C GLU A 140 -5.59 -11.32 19.27
N ASP A 141 -4.94 -10.15 19.30
CA ASP A 141 -4.52 -9.56 20.58
C ASP A 141 -5.76 -9.22 21.47
N PHE A 142 -6.80 -8.61 20.87
CA PHE A 142 -8.01 -8.28 21.59
C PHE A 142 -8.79 -9.53 21.98
N PHE A 143 -8.77 -10.58 21.13
CA PHE A 143 -9.39 -11.90 21.48
C PHE A 143 -8.70 -12.47 22.74
N LYS A 144 -7.37 -12.42 22.80
CA LYS A 144 -6.62 -12.91 23.96
C LYS A 144 -7.00 -12.12 25.23
N LEU A 145 -7.01 -10.80 25.14
CA LEU A 145 -7.33 -9.95 26.28
C LEU A 145 -8.72 -10.24 26.81
N GLU A 146 -9.74 -10.17 25.95
CA GLU A 146 -11.15 -10.24 26.37
C GLU A 146 -11.56 -11.68 26.67
N ARG A 147 -11.32 -12.60 25.73
CA ARG A 147 -11.86 -14.00 25.85
C ARG A 147 -11.05 -14.78 26.89
N ASP A 148 -9.72 -14.69 26.87
CA ASP A 148 -8.91 -15.54 27.73
C ASP A 148 -8.46 -14.86 29.01
N MET A 149 -7.96 -13.64 28.92
CA MET A 149 -7.48 -12.98 30.14
C MET A 149 -8.63 -12.25 30.84
N LYS A 150 -9.80 -12.10 30.21
CA LYS A 150 -10.95 -11.43 30.87
C LYS A 150 -10.62 -9.97 31.21
N ILE A 151 -9.85 -9.29 30.37
CA ILE A 151 -9.57 -7.89 30.65
C ILE A 151 -10.44 -7.03 29.73
N ASN A 152 -11.12 -6.08 30.35
CA ASN A 152 -12.12 -5.22 29.76
C ASN A 152 -11.47 -3.87 29.41
N CYS A 153 -11.41 -3.48 28.12
CA CYS A 153 -10.80 -2.20 27.70
C CYS A 153 -11.81 -1.04 27.74
N SER A 154 -13.02 -1.28 28.20
CA SER A 154 -14.03 -0.25 28.13
C SER A 154 -13.67 0.95 29.01
N GLY A 155 -13.68 2.14 28.41
CA GLY A 155 -13.34 3.38 29.13
C GLY A 155 -11.87 3.48 29.49
N LYS A 156 -11.00 2.57 29.04
CA LYS A 156 -9.52 2.66 29.24
C LYS A 156 -8.85 3.39 28.07
N ILE A 157 -7.66 3.95 28.31
CA ILE A 157 -6.74 4.39 27.24
C ILE A 157 -5.82 3.22 26.86
N VAL A 158 -5.73 2.84 25.55
CA VAL A 158 -4.92 1.67 25.22
C VAL A 158 -3.57 2.13 24.67
N ILE A 159 -2.50 1.41 25.01
CA ILE A 159 -1.19 1.68 24.39
C ILE A 159 -0.79 0.46 23.57
N ALA A 160 -0.44 0.72 22.32
CA ALA A 160 -0.13 -0.33 21.40
C ALA A 160 1.16 0.00 20.68
N ARG A 161 1.94 -1.05 20.39
CA ARG A 161 3.15 -0.94 19.56
C ARG A 161 2.80 -1.06 18.07
N TYR A 162 3.41 -0.19 17.29
CA TYR A 162 3.34 -0.24 15.80
C TYR A 162 3.88 -1.59 15.34
N GLY A 163 3.46 -2.03 14.14
CA GLY A 163 4.02 -3.22 13.46
C GLY A 163 2.94 -4.21 13.09
N LYS A 164 3.25 -5.17 12.21
CA LYS A 164 2.35 -6.34 11.80
C LYS A 164 1.16 -5.93 10.92
N VAL A 165 0.36 -4.92 11.33
CA VAL A 165 -0.79 -4.49 10.64
C VAL A 165 -0.84 -2.95 10.56
N PHE A 166 -1.64 -2.51 9.60
CA PHE A 166 -1.87 -1.06 9.33
C PHE A 166 -2.46 -0.42 10.58
N ARG A 167 -1.94 0.77 10.90
CA ARG A 167 -2.33 1.49 12.12
C ARG A 167 -3.83 1.82 12.20
N GLY A 168 -4.47 2.03 11.04
CA GLY A 168 -5.88 2.23 10.93
C GLY A 168 -6.70 1.05 11.50
N ASN A 169 -6.23 -0.16 11.22
CA ASN A 169 -6.93 -1.36 11.73
C ASN A 169 -6.77 -1.46 13.27
N LYS A 170 -5.58 -1.10 13.80
CA LYS A 170 -5.36 -1.01 15.26
C LYS A 170 -6.39 -0.07 15.90
N VAL A 171 -6.56 1.15 15.34
CA VAL A 171 -7.50 2.12 15.91
C VAL A 171 -8.94 1.56 15.85
N LYS A 172 -9.34 0.95 14.72
CA LYS A 172 -10.70 0.37 14.62
C LYS A 172 -10.90 -0.71 15.70
N ASN A 173 -9.89 -1.58 15.93
CA ASN A 173 -10.00 -2.65 16.87
C ASN A 173 -10.17 -2.07 18.30
N ALA A 174 -9.37 -1.07 18.62
CA ALA A 174 -9.44 -0.47 19.95
C ALA A 174 -10.81 0.20 20.19
N GLN A 175 -11.30 0.93 19.19
CA GLN A 175 -12.60 1.58 19.26
C GLN A 175 -13.70 0.56 19.55
N LEU A 176 -13.74 -0.56 18.80
CA LEU A 176 -14.79 -1.55 18.98
C LEU A 176 -14.64 -2.26 20.33
N ALA A 177 -13.46 -2.28 20.93
CA ALA A 177 -13.35 -2.80 22.33
C ALA A 177 -13.69 -1.74 23.39
N GLY A 178 -14.16 -0.54 23.05
CA GLY A 178 -14.66 0.46 24.04
C GLY A 178 -13.58 1.41 24.58
N ALA A 179 -12.35 1.39 24.05
CA ALA A 179 -11.29 2.34 24.44
C ALA A 179 -11.73 3.78 24.23
N LYS A 180 -11.18 4.63 25.07
CA LYS A 180 -11.48 6.02 24.95
C LYS A 180 -10.28 6.81 24.42
N GLY A 181 -9.17 6.17 24.23
CA GLY A 181 -8.07 6.83 23.43
C GLY A 181 -7.00 5.83 23.05
N VAL A 182 -6.11 6.20 22.14
CA VAL A 182 -5.08 5.27 21.70
C VAL A 182 -3.73 6.00 21.61
N ILE A 183 -2.72 5.33 22.19
CA ILE A 183 -1.33 5.79 22.08
C ILE A 183 -0.56 4.74 21.27
N LEU A 184 0.11 5.18 20.20
CA LEU A 184 0.93 4.30 19.35
C LEU A 184 2.43 4.56 19.61
N TYR A 185 3.28 3.50 19.70
CA TYR A 185 4.74 3.77 19.90
C TYR A 185 5.55 2.80 19.02
N SER A 186 6.81 3.16 18.71
CA SER A 186 7.77 2.34 18.00
C SER A 186 8.67 1.57 19.00
N ASP A 187 8.47 0.27 19.12
CA ASP A 187 9.35 -0.56 19.94
C ASP A 187 10.65 -0.94 19.20
N PRO A 188 11.82 -0.88 19.91
CA PRO A 188 13.07 -1.31 19.29
C PRO A 188 13.06 -2.77 18.82
N ALA A 189 12.28 -3.64 19.45
CA ALA A 189 12.18 -5.00 18.96
C ALA A 189 11.79 -5.00 17.48
N ASP A 190 10.99 -4.00 17.05
CA ASP A 190 10.41 -3.98 15.68
C ASP A 190 11.07 -2.91 14.81
N TYR A 191 11.68 -1.86 15.36
CA TYR A 191 12.27 -0.81 14.53
C TYR A 191 13.73 -0.57 14.92
N PHE A 192 14.45 -1.52 15.54
CA PHE A 192 15.89 -1.28 15.80
C PHE A 192 16.66 -2.56 15.46
N ALA A 193 17.32 -2.59 14.31
CA ALA A 193 18.07 -3.76 13.86
C ALA A 193 19.34 -3.96 14.71
N PRO A 194 19.51 -5.18 15.28
CA PRO A 194 20.74 -5.62 16.02
C PRO A 194 22.07 -5.24 15.33
N GLY A 195 22.93 -4.56 16.08
CA GLY A 195 24.30 -4.32 15.61
C GLY A 195 24.40 -3.07 14.76
N VAL A 196 23.31 -2.34 14.44
CA VAL A 196 23.51 -1.14 13.63
C VAL A 196 23.20 0.12 14.45
N LYS A 197 23.81 1.20 14.06
CA LYS A 197 23.67 2.48 14.78
C LYS A 197 22.42 3.28 14.35
N SER A 198 21.97 4.09 15.31
CA SER A 198 20.99 5.17 15.21
C SER A 198 21.41 6.26 14.21
N TYR A 199 20.44 6.78 13.41
CA TYR A 199 20.66 7.99 12.62
C TYR A 199 21.26 9.07 13.56
N PRO A 200 22.29 9.77 13.14
CA PRO A 200 22.88 9.84 11.77
C PRO A 200 24.07 8.92 11.47
N ASP A 201 24.44 8.04 12.39
CA ASP A 201 25.61 7.15 12.16
C ASP A 201 25.24 5.77 11.63
N GLY A 202 23.94 5.53 11.42
CA GLY A 202 23.42 4.30 10.84
C GLY A 202 21.96 4.48 10.46
N TRP A 203 21.35 3.40 10.05
CA TRP A 203 20.01 3.48 9.50
C TRP A 203 18.93 3.12 10.55
N ASN A 204 19.28 3.08 11.84
CA ASN A 204 18.31 2.71 12.88
C ASN A 204 17.53 3.94 13.34
N LEU A 205 16.42 3.66 14.07
CA LEU A 205 15.53 4.65 14.68
C LEU A 205 16.02 5.04 16.07
N PRO A 206 16.24 6.35 16.32
CA PRO A 206 16.65 6.75 17.69
C PRO A 206 15.46 6.86 18.67
N GLY A 207 15.74 6.98 19.97
CA GLY A 207 14.68 6.98 21.02
C GLY A 207 13.71 8.17 20.91
N GLY A 208 14.15 9.25 20.25
CA GLY A 208 13.34 10.45 20.04
C GLY A 208 12.58 10.46 18.70
N GLY A 209 12.82 9.46 17.84
CA GLY A 209 12.15 9.31 16.50
C GLY A 209 10.72 8.82 16.62
N VAL A 210 9.83 9.35 15.76
CA VAL A 210 8.39 8.99 15.80
C VAL A 210 7.84 8.80 14.36
N GLN A 211 7.03 7.76 14.19
CA GLN A 211 6.33 7.45 12.96
C GLN A 211 5.01 8.24 12.85
N ARG A 212 4.96 9.16 11.90
CA ARG A 212 3.65 9.77 11.45
C ARG A 212 2.81 8.75 10.66
N GLY A 213 1.51 9.06 10.52
CA GLY A 213 0.62 8.40 9.55
C GLY A 213 -0.88 8.56 9.87
N ASN A 214 -1.69 8.42 8.83
CA ASN A 214 -3.14 8.56 8.96
C ASN A 214 -3.67 7.29 9.63
N ILE A 215 -4.83 7.42 10.27
CA ILE A 215 -5.49 6.32 10.99
C ILE A 215 -6.94 6.12 10.50
N LEU A 216 -7.19 6.42 9.24
CA LEU A 216 -8.53 6.24 8.63
C LEU A 216 -8.80 4.75 8.37
N ASN A 217 -10.10 4.42 8.27
CA ASN A 217 -10.68 3.15 7.72
C ASN A 217 -11.60 3.50 6.54
N LEU A 218 -10.99 3.81 5.38
CA LEU A 218 -11.72 4.29 4.22
C LEU A 218 -12.33 3.15 3.38
N ASN A 219 -11.73 1.98 3.40
CA ASN A 219 -12.16 0.85 2.57
C ASN A 219 -12.33 1.26 1.09
N GLY A 220 -11.41 2.09 0.57
CA GLY A 220 -11.36 2.45 -0.88
C GLY A 220 -12.14 3.71 -1.25
N ALA A 221 -12.74 4.40 -0.28
CA ALA A 221 -13.70 5.50 -0.61
C ALA A 221 -13.01 6.72 -1.22
N GLY A 222 -11.75 6.99 -0.87
CA GLY A 222 -11.09 8.27 -1.24
C GLY A 222 -11.42 9.39 -0.25
N ASP A 223 -11.59 10.61 -0.76
CA ASP A 223 -11.97 11.77 0.10
C ASP A 223 -13.14 11.37 1.00
N PRO A 224 -12.97 11.52 2.29
CA PRO A 224 -14.05 11.18 3.23
C PRO A 224 -15.43 11.82 2.97
N LEU A 225 -15.48 13.01 2.37
CA LEU A 225 -16.75 13.80 2.17
C LEU A 225 -17.44 13.52 0.83
N THR A 226 -16.79 12.84 -0.12
CA THR A 226 -17.36 12.71 -1.46
C THR A 226 -17.26 11.28 -2.04
N PRO A 227 -17.67 10.26 -1.28
CA PRO A 227 -17.57 8.91 -1.84
C PRO A 227 -18.31 8.70 -3.17
N GLY A 228 -17.62 8.16 -4.17
CA GLY A 228 -18.22 7.84 -5.47
C GLY A 228 -18.00 8.88 -6.57
N TYR A 229 -17.65 10.12 -6.19
CA TYR A 229 -17.67 11.23 -7.12
C TYR A 229 -16.44 12.12 -6.84
N PRO A 230 -15.91 12.77 -7.88
CA PRO A 230 -14.73 13.59 -7.66
C PRO A 230 -15.02 14.87 -6.88
N ALA A 231 -14.05 15.26 -6.03
CA ALA A 231 -14.16 16.46 -5.15
C ALA A 231 -13.84 17.75 -5.95
N ASN A 232 -14.67 18.01 -6.96
CA ASN A 232 -14.44 19.14 -7.92
C ASN A 232 -15.06 20.40 -7.31
N GLU A 233 -15.15 21.45 -8.12
CA GLU A 233 -15.57 22.80 -7.68
C GLU A 233 -17.03 22.80 -7.19
N TYR A 234 -17.92 22.00 -7.80
CA TYR A 234 -19.36 22.11 -7.49
C TYR A 234 -19.81 20.91 -6.64
N ALA A 235 -18.89 20.13 -6.08
CA ALA A 235 -19.26 18.89 -5.46
C ALA A 235 -20.13 19.13 -4.22
N TYR A 236 -21.02 18.18 -3.98
CA TYR A 236 -21.79 18.18 -2.75
C TYR A 236 -21.06 17.34 -1.72
N ARG A 237 -20.91 17.85 -0.54
CA ARG A 237 -20.10 17.25 0.53
C ARG A 237 -21.01 16.72 1.64
N ARG A 238 -20.75 15.56 2.17
CA ARG A 238 -21.36 15.16 3.45
C ARG A 238 -20.88 16.08 4.58
N GLY A 239 -21.73 16.22 5.60
CA GLY A 239 -21.27 16.79 6.87
C GLY A 239 -20.33 15.83 7.57
N ILE A 240 -19.49 16.33 8.48
CA ILE A 240 -18.40 15.56 9.17
C ILE A 240 -19.01 14.35 9.84
N ALA A 241 -20.19 14.55 10.43
CA ALA A 241 -20.79 13.42 11.16
C ALA A 241 -21.03 12.24 10.21
N GLU A 242 -21.26 12.44 8.89
CA GLU A 242 -21.57 11.28 7.95
C GLU A 242 -20.33 10.94 7.09
N ALA A 243 -19.18 11.54 7.37
CA ALA A 243 -17.94 11.31 6.64
C ALA A 243 -17.54 9.83 6.69
N VAL A 244 -16.85 9.35 5.65
CA VAL A 244 -16.41 7.97 5.65
C VAL A 244 -15.08 7.82 6.45
N GLY A 245 -15.06 6.92 7.44
CA GLY A 245 -13.79 6.36 7.94
C GLY A 245 -13.05 7.12 9.05
N LEU A 246 -13.62 8.18 9.58
CA LEU A 246 -12.99 8.96 10.65
C LEU A 246 -13.05 8.19 11.98
N PRO A 247 -11.96 8.17 12.76
CA PRO A 247 -11.98 7.54 14.08
C PRO A 247 -12.80 8.37 15.09
N SER A 248 -13.35 7.74 16.10
CA SER A 248 -14.20 8.44 17.08
C SER A 248 -13.44 8.71 18.40
N ILE A 249 -12.20 8.26 18.59
CA ILE A 249 -11.43 8.54 19.83
C ILE A 249 -10.07 9.17 19.45
N PRO A 250 -9.54 10.05 20.34
CA PRO A 250 -8.25 10.65 20.08
C PRO A 250 -7.07 9.66 19.96
N VAL A 251 -6.08 9.96 19.10
CA VAL A 251 -4.91 9.09 18.90
C VAL A 251 -3.63 9.93 18.69
N HIS A 252 -2.49 9.39 19.16
CA HIS A 252 -1.18 10.10 19.11
C HIS A 252 -0.04 9.09 19.12
N PRO A 253 1.03 9.32 18.31
CA PRO A 253 2.26 8.50 18.20
C PRO A 253 3.43 9.11 18.99
N ILE A 254 4.25 8.24 19.59
CA ILE A 254 5.41 8.58 20.42
C ILE A 254 6.58 7.63 20.10
N GLY A 255 7.80 8.09 20.44
CA GLY A 255 9.01 7.28 20.35
C GLY A 255 9.23 6.41 21.58
N TYR A 256 10.31 5.61 21.54
CA TYR A 256 10.56 4.60 22.61
C TYR A 256 11.11 5.19 23.93
N TYR A 257 11.88 6.29 23.92
CA TYR A 257 12.17 6.99 25.21
C TYR A 257 10.89 7.41 25.94
N ASP A 258 9.94 8.02 25.26
CA ASP A 258 8.72 8.43 25.90
C ASP A 258 7.87 7.21 26.33
N ALA A 259 7.87 6.18 25.48
CA ALA A 259 7.09 4.98 25.74
C ALA A 259 7.56 4.27 27.02
N GLN A 260 8.87 4.13 27.18
CA GLN A 260 9.44 3.54 28.40
C GLN A 260 8.91 4.25 29.68
N LYS A 261 8.80 5.58 29.66
CA LYS A 261 8.17 6.33 30.79
C LYS A 261 6.70 5.96 31.02
N LEU A 262 5.93 5.66 29.96
CA LEU A 262 4.51 5.29 30.14
C LEU A 262 4.37 3.81 30.54
N LEU A 263 5.29 2.96 30.11
CA LEU A 263 5.15 1.52 30.34
C LEU A 263 5.77 1.11 31.69
N GLU A 264 6.76 1.83 32.19
CA GLU A 264 7.62 1.21 33.26
C GLU A 264 6.84 1.05 34.58
N LYS A 265 5.74 1.78 34.80
CA LYS A 265 4.98 1.70 36.06
C LYS A 265 3.75 0.79 35.95
N MET A 266 3.57 0.13 34.81
CA MET A 266 2.35 -0.69 34.59
C MET A 266 2.25 -1.91 35.54
N GLY A 267 1.00 -2.12 36.01
CA GLY A 267 0.62 -3.16 37.02
C GLY A 267 -0.37 -4.17 36.45
N GLY A 268 -1.30 -4.64 37.29
CA GLY A 268 -2.30 -5.66 36.87
C GLY A 268 -1.63 -6.93 36.38
N SER A 269 -2.18 -7.57 35.35
CA SER A 269 -1.76 -8.93 34.91
C SER A 269 -0.41 -8.88 34.21
N ALA A 270 0.33 -9.95 34.32
CA ALA A 270 1.57 -10.12 33.59
C ALA A 270 1.24 -10.34 32.10
N PRO A 271 2.22 -10.09 31.22
CA PRO A 271 2.04 -10.43 29.80
C PRO A 271 1.75 -11.93 29.65
N PRO A 272 0.89 -12.30 28.72
CA PRO A 272 0.44 -13.68 28.67
C PRO A 272 1.54 -14.62 28.17
N ASP A 273 2.53 -14.11 27.46
CA ASP A 273 3.62 -14.95 26.98
C ASP A 273 4.64 -14.02 26.29
N SER A 274 5.79 -14.58 25.91
CA SER A 274 6.93 -13.83 25.39
C SER A 274 6.63 -13.13 24.04
N SER A 275 5.56 -13.48 23.31
CA SER A 275 5.24 -12.75 22.05
C SER A 275 4.59 -11.39 22.36
N TRP A 276 4.31 -11.09 23.63
CA TRP A 276 3.76 -9.81 24.06
C TRP A 276 4.86 -8.86 24.56
N ARG A 277 6.13 -9.33 24.66
CA ARG A 277 7.24 -8.56 25.23
C ARG A 277 8.11 -7.97 24.10
N GLY A 278 8.32 -6.66 24.10
CA GLY A 278 9.32 -6.01 23.22
C GLY A 278 10.71 -6.03 23.85
N SER A 279 11.56 -5.04 23.56
CA SER A 279 12.97 -5.03 23.92
C SER A 279 13.21 -4.01 25.03
N LEU A 280 12.26 -3.23 25.51
CA LEU A 280 12.63 -2.22 26.53
C LEU A 280 12.74 -2.90 27.91
N LYS A 281 13.37 -2.22 28.87
CA LYS A 281 13.59 -2.78 30.19
C LYS A 281 12.37 -2.52 31.06
N VAL A 282 11.26 -3.17 30.73
CA VAL A 282 10.00 -2.96 31.43
C VAL A 282 9.32 -4.34 31.42
N PRO A 283 8.39 -4.59 32.35
CA PRO A 283 7.78 -5.94 32.42
C PRO A 283 6.81 -6.22 31.25
N TYR A 284 6.25 -5.19 30.62
CA TYR A 284 5.19 -5.35 29.61
C TYR A 284 3.94 -5.95 30.28
N ASN A 285 3.60 -5.47 31.50
CA ASN A 285 2.35 -5.87 32.11
C ASN A 285 1.23 -5.22 31.30
N VAL A 286 0.09 -5.91 31.30
CA VAL A 286 -1.05 -5.56 30.51
C VAL A 286 -1.94 -4.53 31.23
N GLY A 287 -1.87 -4.48 32.56
CA GLY A 287 -2.74 -3.55 33.30
C GLY A 287 -4.00 -4.26 33.73
N PRO A 288 -5.09 -3.55 33.94
CA PRO A 288 -5.18 -2.08 33.76
C PRO A 288 -4.45 -1.26 34.83
N GLY A 289 -3.95 -0.09 34.50
CA GLY A 289 -3.40 0.84 35.51
C GLY A 289 -2.00 0.48 35.98
N PHE A 290 -1.48 1.34 36.86
CA PHE A 290 -0.10 1.29 37.38
C PHE A 290 -0.05 0.47 38.69
N THR A 291 1.15 -0.03 39.09
CA THR A 291 1.34 -0.76 40.40
C THR A 291 1.08 0.15 41.63
N GLY A 292 0.87 -0.52 42.76
CA GLY A 292 0.37 0.07 44.02
C GLY A 292 0.90 1.46 44.38
N ASN A 293 2.20 1.72 44.37
CA ASN A 293 2.69 3.07 44.79
C ASN A 293 2.07 4.17 43.92
N PHE A 294 1.80 3.87 42.64
CA PHE A 294 1.45 4.90 41.66
C PHE A 294 0.01 4.72 41.17
N SER A 295 -0.73 3.85 41.84
CA SER A 295 -1.98 3.40 41.37
C SER A 295 -2.98 4.55 41.30
N THR A 296 -2.73 5.70 41.91
CA THR A 296 -3.66 6.84 41.84
C THR A 296 -3.20 7.83 40.75
N GLN A 297 -2.06 7.62 40.12
CA GLN A 297 -1.67 8.46 38.95
C GLN A 297 -2.48 8.02 37.72
N LYS A 298 -2.55 8.84 36.68
CA LYS A 298 -3.32 8.51 35.46
C LYS A 298 -2.59 9.08 34.23
N VAL A 299 -3.02 8.68 33.03
CA VAL A 299 -2.51 9.21 31.73
C VAL A 299 -3.58 10.10 31.10
N LYS A 300 -3.15 11.27 30.59
CA LYS A 300 -4.04 12.22 29.99
C LYS A 300 -3.50 12.61 28.60
N MET A 301 -4.38 12.57 27.60
CA MET A 301 -3.99 12.97 26.25
C MET A 301 -4.41 14.42 26.04
N HIS A 302 -3.73 15.20 25.19
CA HIS A 302 -4.21 16.50 24.78
C HIS A 302 -4.15 16.62 23.25
N ILE A 303 -5.29 16.55 22.55
CA ILE A 303 -5.25 16.54 21.09
C ILE A 303 -6.08 17.72 20.54
N HIS A 304 -5.47 18.57 19.70
CA HIS A 304 -6.19 19.76 19.14
C HIS A 304 -6.03 19.90 17.62
N SER A 305 -5.64 18.81 16.93
CA SER A 305 -5.63 18.81 15.45
C SER A 305 -7.03 19.17 14.93
N THR A 306 -7.07 19.76 13.73
CA THR A 306 -8.30 20.08 13.03
C THR A 306 -8.30 19.50 11.60
N ASN A 307 -9.47 19.05 11.19
CA ASN A 307 -9.75 18.59 9.84
C ASN A 307 -10.11 19.80 8.96
N GLU A 308 -9.59 19.88 7.75
CA GLU A 308 -9.88 21.01 6.93
C GLU A 308 -9.90 20.64 5.44
N VAL A 309 -10.89 21.18 4.73
CA VAL A 309 -10.97 21.00 3.27
C VAL A 309 -9.85 21.85 2.66
N THR A 310 -9.01 21.21 1.87
CA THR A 310 -7.73 21.83 1.40
C THR A 310 -7.51 21.40 -0.06
N ARG A 311 -6.96 22.27 -0.89
CA ARG A 311 -6.74 21.95 -2.32
C ARG A 311 -5.49 21.07 -2.50
N ILE A 312 -5.57 20.06 -3.39
CA ILE A 312 -4.41 19.18 -3.73
C ILE A 312 -4.22 19.14 -5.26
N TYR A 313 -3.03 18.73 -5.74
CA TYR A 313 -2.67 18.87 -7.17
C TYR A 313 -1.98 17.60 -7.70
N ASN A 314 -2.65 16.88 -8.59
CA ASN A 314 -1.96 15.80 -9.32
C ASN A 314 -1.32 16.37 -10.59
N VAL A 315 -0.17 15.82 -10.98
CA VAL A 315 0.42 16.14 -12.32
C VAL A 315 0.18 14.93 -13.25
N ILE A 316 -0.37 15.18 -14.43
CA ILE A 316 -0.84 14.14 -15.43
C ILE A 316 -0.12 14.42 -16.76
N GLY A 317 0.86 13.58 -17.11
CA GLY A 317 1.56 13.68 -18.42
C GLY A 317 1.12 12.62 -19.39
N THR A 318 1.01 12.96 -20.67
CA THR A 318 0.52 12.10 -21.73
C THR A 318 1.57 11.96 -22.86
N LEU A 319 1.90 10.73 -23.22
CA LEU A 319 2.67 10.41 -24.46
C LEU A 319 1.78 9.62 -25.41
N ARG A 320 1.20 10.27 -26.41
CA ARG A 320 0.18 9.68 -27.24
C ARG A 320 0.74 8.50 -28.07
N GLY A 321 -0.04 7.42 -28.12
CA GLY A 321 0.30 6.23 -28.94
C GLY A 321 0.11 6.45 -30.43
N ALA A 322 0.99 5.80 -31.20
CA ALA A 322 0.98 5.91 -32.69
C ALA A 322 -0.13 5.06 -33.31
N VAL A 323 -0.46 3.90 -32.73
CA VAL A 323 -1.40 2.94 -33.36
C VAL A 323 -2.67 2.77 -32.51
N GLU A 324 -2.54 2.57 -31.19
CA GLU A 324 -3.74 2.50 -30.33
C GLU A 324 -3.71 3.63 -29.29
N PRO A 325 -3.97 4.88 -29.74
CA PRO A 325 -3.96 6.01 -28.80
C PRO A 325 -5.06 5.88 -27.72
N ASP A 326 -6.07 5.06 -27.99
CA ASP A 326 -7.17 4.85 -27.08
C ASP A 326 -6.96 3.65 -26.12
N ARG A 327 -5.70 3.23 -25.92
CA ARG A 327 -5.35 2.23 -24.94
C ARG A 327 -4.30 2.82 -24.03
N TYR A 328 -4.52 2.72 -22.72
CA TYR A 328 -3.72 3.52 -21.71
C TYR A 328 -2.91 2.60 -20.79
N VAL A 329 -1.59 2.83 -20.76
CA VAL A 329 -0.64 2.18 -19.82
C VAL A 329 -0.19 3.29 -18.88
N ILE A 330 -0.47 3.12 -17.58
CA ILE A 330 -0.26 4.20 -16.56
C ILE A 330 0.93 3.87 -15.65
N LEU A 331 1.90 4.80 -15.54
CA LEU A 331 2.97 4.76 -14.54
C LEU A 331 2.67 5.87 -13.53
N GLY A 332 2.33 5.51 -12.29
CA GLY A 332 1.91 6.49 -11.25
C GLY A 332 2.58 6.25 -9.89
N GLY A 333 2.95 7.35 -9.23
CA GLY A 333 3.40 7.32 -7.85
C GLY A 333 3.20 8.68 -7.20
N HIS A 334 3.16 8.74 -5.85
CA HIS A 334 2.90 10.00 -5.20
C HIS A 334 4.19 10.84 -5.02
N ARG A 335 3.93 12.12 -4.67
CA ARG A 335 4.90 13.21 -4.52
C ARG A 335 4.84 13.85 -3.12
N ASP A 336 3.67 13.85 -2.47
CA ASP A 336 3.51 14.41 -1.10
C ASP A 336 4.31 13.58 -0.12
N SER A 337 4.89 14.21 0.91
CA SER A 337 5.70 13.48 1.93
C SER A 337 5.27 13.94 3.33
N TRP A 338 5.57 13.14 4.37
CA TRP A 338 5.35 13.62 5.77
C TRP A 338 6.38 14.72 6.12
N VAL A 339 7.67 14.53 5.88
CA VAL A 339 8.63 15.60 6.00
C VAL A 339 9.47 15.62 4.74
N PHE A 340 10.72 15.13 4.76
CA PHE A 340 11.63 15.32 3.53
C PHE A 340 11.39 14.22 2.48
N GLY A 341 10.85 13.11 2.93
CA GLY A 341 10.52 11.98 1.99
C GLY A 341 11.72 11.35 1.28
N GLY A 342 12.87 11.24 1.95
CA GLY A 342 14.13 10.70 1.35
C GLY A 342 13.92 9.35 0.68
N ILE A 343 13.20 8.43 1.36
CA ILE A 343 12.77 7.17 0.79
C ILE A 343 11.33 7.29 0.28
N ASP A 344 10.39 7.60 1.20
CA ASP A 344 8.98 7.61 0.93
C ASP A 344 8.44 9.05 0.71
N PRO A 345 8.19 9.53 -0.51
CA PRO A 345 8.17 8.79 -1.79
C PRO A 345 9.28 9.14 -2.79
N GLN A 346 10.20 10.03 -2.42
CA GLN A 346 11.00 10.71 -3.47
C GLN A 346 11.98 9.70 -4.11
N SER A 347 12.35 8.61 -3.42
CA SER A 347 13.23 7.58 -4.10
C SER A 347 12.49 6.95 -5.31
N GLY A 348 11.17 6.88 -5.20
CA GLY A 348 10.27 6.40 -6.32
C GLY A 348 10.00 7.49 -7.34
N ALA A 349 9.76 8.71 -6.86
CA ALA A 349 9.45 9.84 -7.79
C ALA A 349 10.67 10.22 -8.65
N ALA A 350 11.88 10.08 -8.12
CA ALA A 350 13.12 10.38 -8.88
C ALA A 350 13.30 9.37 -10.03
N VAL A 351 12.95 8.13 -9.73
CA VAL A 351 12.96 7.04 -10.75
C VAL A 351 11.93 7.33 -11.85
N VAL A 352 10.70 7.69 -11.46
CA VAL A 352 9.70 8.08 -12.46
C VAL A 352 10.23 9.22 -13.36
N HIS A 353 10.85 10.26 -12.75
CA HIS A 353 11.41 11.44 -13.48
C HIS A 353 12.39 11.03 -14.59
N GLU A 354 13.30 10.14 -14.24
CA GLU A 354 14.30 9.58 -15.17
C GLU A 354 13.62 8.73 -16.25
N ILE A 355 12.55 8.00 -15.87
CA ILE A 355 11.80 7.19 -16.87
C ILE A 355 11.15 8.14 -17.90
N VAL A 356 10.55 9.24 -17.45
CA VAL A 356 9.90 10.21 -18.40
C VAL A 356 11.00 10.76 -19.32
N ARG A 357 12.18 11.06 -18.76
CA ARG A 357 13.27 11.68 -19.51
C ARG A 357 13.74 10.74 -20.63
N SER A 358 13.89 9.43 -20.31
N SER A 358 13.82 9.44 -20.32
CA SER A 358 14.33 8.47 -21.35
CA SER A 358 14.29 8.45 -21.27
C SER A 358 13.25 8.29 -22.42
C SER A 358 13.26 8.23 -22.39
N PHE A 359 11.98 8.11 -22.05
CA PHE A 359 10.92 7.98 -23.10
C PHE A 359 10.92 9.28 -23.95
N GLY A 360 11.17 10.45 -23.33
CA GLY A 360 11.15 11.76 -24.03
C GLY A 360 12.33 11.89 -25.02
N THR A 361 13.48 11.33 -24.67
CA THR A 361 14.66 11.24 -25.54
C THR A 361 14.26 10.50 -26.83
N LEU A 362 13.64 9.34 -26.67
CA LEU A 362 13.24 8.57 -27.81
C LEU A 362 12.21 9.32 -28.66
N LYS A 363 11.23 9.91 -28.00
CA LYS A 363 10.19 10.71 -28.69
C LYS A 363 10.83 11.79 -29.59
N LYS A 364 11.82 12.53 -29.07
CA LYS A 364 12.44 13.62 -29.84
C LYS A 364 13.20 13.13 -31.07
N GLU A 365 13.71 11.90 -31.08
CA GLU A 365 14.32 11.29 -32.30
C GLU A 365 13.26 10.69 -33.22
N GLY A 366 11.99 10.81 -32.85
CA GLY A 366 10.84 10.55 -33.72
C GLY A 366 10.07 9.28 -33.37
N TRP A 367 10.42 8.58 -32.32
CA TRP A 367 9.74 7.35 -31.92
C TRP A 367 8.45 7.69 -31.17
N ARG A 368 7.50 6.75 -31.19
CA ARG A 368 6.30 6.82 -30.35
C ARG A 368 5.91 5.40 -29.96
N PRO A 369 5.44 5.22 -28.71
CA PRO A 369 4.98 3.88 -28.39
C PRO A 369 3.70 3.52 -29.16
N ARG A 370 3.41 2.23 -29.31
CA ARG A 370 2.17 1.74 -29.97
C ARG A 370 0.92 2.24 -29.22
N ARG A 371 0.88 2.04 -27.90
CA ARG A 371 -0.26 2.52 -27.04
C ARG A 371 0.12 3.79 -26.26
N THR A 372 -0.90 4.56 -25.84
CA THR A 372 -0.70 5.75 -25.00
C THR A 372 -0.08 5.38 -23.62
N ILE A 373 0.88 6.21 -23.13
CA ILE A 373 1.43 6.15 -21.79
C ILE A 373 1.03 7.44 -21.05
N LEU A 374 0.49 7.26 -19.85
CA LEU A 374 0.09 8.29 -18.90
C LEU A 374 1.05 8.16 -17.70
N PHE A 375 1.63 9.30 -17.32
CA PHE A 375 2.54 9.49 -16.23
C PHE A 375 1.84 10.37 -15.17
N ALA A 376 1.88 9.92 -13.90
CA ALA A 376 1.18 10.63 -12.77
C ALA A 376 2.09 10.83 -11.54
N SER A 377 2.06 12.09 -11.05
CA SER A 377 2.59 12.54 -9.74
C SER A 377 1.38 12.85 -8.84
N TRP A 378 0.98 11.86 -8.05
CA TRP A 378 -0.20 11.94 -7.16
C TRP A 378 0.09 12.78 -5.90
N ASP A 379 -0.98 13.50 -5.43
CA ASP A 379 -0.92 14.27 -4.20
C ASP A 379 -1.72 13.51 -3.10
N ALA A 380 -1.49 13.90 -1.87
CA ALA A 380 -2.19 13.43 -0.65
C ALA A 380 -2.32 11.90 -0.57
N GLU A 381 -1.38 11.13 -1.10
CA GLU A 381 -1.41 9.68 -0.85
C GLU A 381 -1.35 9.43 0.67
N GLU A 382 -0.51 10.21 1.35
CA GLU A 382 -0.25 9.95 2.81
C GLU A 382 -1.55 10.16 3.63
N PHE A 383 -2.51 10.92 3.09
CA PHE A 383 -3.77 11.18 3.84
C PHE A 383 -4.94 10.27 3.41
N GLY A 384 -4.65 9.18 2.69
CA GLY A 384 -5.59 8.11 2.37
C GLY A 384 -5.75 7.82 0.87
N LEU A 385 -4.67 7.95 0.09
CA LEU A 385 -4.73 7.67 -1.39
C LEU A 385 -5.76 8.61 -2.06
N LEU A 386 -5.84 9.85 -1.62
CA LEU A 386 -6.89 10.79 -2.03
C LEU A 386 -6.69 11.31 -3.46
N GLY A 387 -5.47 11.68 -3.85
CA GLY A 387 -5.25 12.25 -5.21
C GLY A 387 -5.51 11.23 -6.32
N SER A 388 -4.98 10.02 -6.21
CA SER A 388 -5.22 8.95 -7.17
C SER A 388 -6.74 8.60 -7.24
N THR A 389 -7.41 8.42 -6.06
CA THR A 389 -8.81 7.96 -5.98
C THR A 389 -9.72 9.03 -6.60
N GLU A 390 -9.52 10.30 -6.26
CA GLU A 390 -10.36 11.38 -6.83
C GLU A 390 -10.18 11.45 -8.37
N TRP A 391 -8.97 11.30 -8.89
CA TRP A 391 -8.75 11.40 -10.35
C TRP A 391 -9.44 10.22 -11.05
N ALA A 392 -9.24 9.02 -10.51
CA ALA A 392 -9.90 7.82 -11.03
C ALA A 392 -11.44 7.94 -10.98
N GLU A 393 -12.03 8.51 -9.92
CA GLU A 393 -13.52 8.74 -9.85
C GLU A 393 -13.93 9.68 -10.97
N GLU A 394 -13.09 10.69 -11.25
CA GLU A 394 -13.41 11.62 -12.31
C GLU A 394 -13.39 10.93 -13.69
N ASN A 395 -12.44 10.03 -13.88
CA ASN A 395 -12.10 9.52 -15.23
C ASN A 395 -12.51 8.03 -15.35
N SER A 396 -13.40 7.56 -14.46
CA SER A 396 -13.74 6.11 -14.30
C SER A 396 -14.17 5.48 -15.62
N ARG A 397 -15.03 6.17 -16.38
CA ARG A 397 -15.55 5.63 -17.66
C ARG A 397 -14.42 5.42 -18.69
N LEU A 398 -13.47 6.37 -18.76
CA LEU A 398 -12.28 6.28 -19.67
C LEU A 398 -11.37 5.10 -19.23
N LEU A 399 -11.13 5.01 -17.91
CA LEU A 399 -10.21 3.96 -17.36
C LEU A 399 -10.79 2.56 -17.54
N GLN A 400 -12.07 2.40 -17.38
CA GLN A 400 -12.55 1.03 -17.45
C GLN A 400 -12.73 0.50 -18.88
N GLU A 401 -13.01 1.35 -19.85
CA GLU A 401 -13.08 0.88 -21.25
C GLU A 401 -11.69 0.96 -21.94
N ARG A 402 -10.70 1.72 -21.43
CA ARG A 402 -9.42 1.93 -22.19
C ARG A 402 -8.18 1.51 -21.36
N GLY A 403 -8.28 1.17 -20.06
CA GLY A 403 -7.12 0.98 -19.18
C GLY A 403 -6.55 -0.42 -19.33
N VAL A 404 -5.36 -0.49 -19.90
CA VAL A 404 -4.60 -1.76 -20.07
C VAL A 404 -3.94 -2.20 -18.75
N ALA A 405 -3.17 -1.30 -18.13
CA ALA A 405 -2.43 -1.67 -16.94
C ALA A 405 -2.02 -0.44 -16.13
N TYR A 406 -1.74 -0.70 -14.85
CA TYR A 406 -1.25 0.31 -13.88
C TYR A 406 0.00 -0.24 -13.18
N ILE A 407 1.10 0.52 -13.25
CA ILE A 407 2.41 0.21 -12.59
C ILE A 407 2.65 1.32 -11.52
N ASN A 408 2.65 0.95 -10.25
CA ASN A 408 2.85 1.88 -9.14
C ASN A 408 4.34 2.29 -9.05
N ALA A 409 4.61 3.38 -8.30
CA ALA A 409 6.00 3.87 -8.21
C ALA A 409 6.20 4.75 -6.96
N ASP A 410 5.94 4.16 -5.79
CA ASP A 410 6.26 4.78 -4.50
C ASP A 410 7.73 4.28 -4.23
N SER A 411 8.17 4.25 -2.98
CA SER A 411 9.60 3.97 -2.58
C SER A 411 10.26 2.90 -3.48
N SER A 412 11.44 3.22 -4.02
CA SER A 412 12.25 2.26 -4.87
C SER A 412 13.07 1.28 -4.02
N ILE A 413 13.35 1.60 -2.75
CA ILE A 413 14.13 0.75 -1.84
C ILE A 413 13.42 0.70 -0.49
N GLU A 414 13.46 -0.45 0.21
CA GLU A 414 13.24 -0.53 1.68
C GLU A 414 14.35 -1.41 2.29
N GLY A 415 15.42 -1.62 1.52
CA GLY A 415 16.55 -2.53 1.84
C GLY A 415 17.54 -2.59 0.66
N ASN A 416 18.62 -3.37 0.75
CA ASN A 416 19.61 -3.49 -0.36
C ASN A 416 19.93 -4.99 -0.63
N TYR A 417 19.00 -5.91 -0.33
CA TYR A 417 19.27 -7.35 -0.41
C TYR A 417 18.81 -7.97 -1.75
N THR A 418 17.55 -7.78 -2.18
CA THR A 418 17.04 -8.43 -3.45
C THR A 418 15.73 -7.74 -3.88
N LEU A 419 15.19 -8.18 -5.01
CA LEU A 419 13.98 -7.61 -5.60
C LEU A 419 12.73 -8.10 -4.88
N ARG A 420 11.72 -7.23 -4.89
CA ARG A 420 10.39 -7.57 -4.43
C ARG A 420 9.40 -7.18 -5.54
N VAL A 421 8.56 -8.13 -6.00
CA VAL A 421 7.40 -7.83 -6.91
C VAL A 421 6.09 -8.30 -6.23
N ASP A 422 5.05 -7.46 -6.27
CA ASP A 422 3.68 -7.86 -5.92
C ASP A 422 2.86 -7.47 -7.16
N CYS A 423 2.08 -8.37 -7.74
CA CYS A 423 1.31 -8.05 -8.92
C CYS A 423 0.22 -9.10 -9.19
N THR A 424 -0.72 -8.73 -10.06
CA THR A 424 -1.66 -9.68 -10.69
C THR A 424 -0.91 -10.85 -11.34
N PRO A 425 -1.47 -12.07 -11.24
CA PRO A 425 -0.94 -13.23 -11.96
C PRO A 425 -0.75 -12.92 -13.47
N LEU A 426 -1.58 -12.02 -14.03
CA LEU A 426 -1.51 -11.74 -15.46
C LEU A 426 -0.12 -11.20 -15.82
N MET A 427 0.67 -10.70 -14.86
CA MET A 427 1.98 -10.09 -15.21
C MET A 427 3.13 -11.03 -14.79
N TYR A 428 2.88 -12.26 -14.32
CA TYR A 428 3.97 -13.11 -13.77
C TYR A 428 5.03 -13.41 -14.88
N SER A 429 4.53 -13.80 -16.05
CA SER A 429 5.39 -14.23 -17.17
C SER A 429 6.19 -13.06 -17.72
N LEU A 430 5.55 -11.92 -17.97
CA LEU A 430 6.21 -10.62 -18.24
C LEU A 430 7.38 -10.33 -17.29
N VAL A 431 7.17 -10.45 -15.99
CA VAL A 431 8.22 -10.15 -14.97
C VAL A 431 9.36 -11.18 -15.02
N HIS A 432 9.02 -12.46 -15.19
CA HIS A 432 10.02 -13.52 -15.38
C HIS A 432 10.90 -13.19 -16.61
N ASN A 433 10.31 -12.91 -17.78
CA ASN A 433 11.07 -12.68 -19.01
C ASN A 433 11.91 -11.39 -18.95
N LEU A 434 11.41 -10.33 -18.33
CA LEU A 434 12.17 -9.07 -18.30
C LEU A 434 13.41 -9.22 -17.38
N THR A 435 13.20 -9.77 -16.19
CA THR A 435 14.27 -9.92 -15.19
C THR A 435 15.40 -10.86 -15.71
N LYS A 436 15.10 -11.79 -16.61
CA LYS A 436 16.14 -12.68 -17.21
C LYS A 436 17.03 -11.89 -18.17
N GLU A 437 16.55 -10.73 -18.62
N GLU A 437 16.58 -10.73 -18.62
CA GLU A 437 17.22 -9.89 -19.58
CA GLU A 437 17.33 -9.93 -19.57
C GLU A 437 17.99 -8.76 -18.88
C GLU A 437 17.96 -8.71 -18.88
N LEU A 438 17.87 -8.61 -17.56
CA LEU A 438 18.49 -7.49 -16.85
C LEU A 438 19.69 -8.03 -16.06
N LYS A 439 20.66 -7.15 -15.80
CA LYS A 439 21.87 -7.50 -15.03
C LYS A 439 21.62 -7.39 -13.54
N SER A 440 22.11 -8.35 -12.75
CA SER A 440 22.03 -8.27 -11.30
C SER A 440 22.95 -7.16 -10.80
N PRO A 441 22.49 -6.25 -9.93
CA PRO A 441 23.44 -5.33 -9.31
C PRO A 441 24.10 -5.86 -8.03
N ASP A 442 23.86 -7.13 -7.67
CA ASP A 442 24.25 -7.62 -6.38
C ASP A 442 25.73 -8.08 -6.41
N GLU A 443 26.42 -7.82 -5.29
CA GLU A 443 27.78 -8.30 -5.06
C GLU A 443 27.72 -9.83 -5.15
N GLY A 444 28.66 -10.43 -5.87
CA GLY A 444 28.75 -11.87 -5.98
C GLY A 444 27.91 -12.41 -7.13
N PHE A 445 27.20 -11.55 -7.86
CA PHE A 445 26.38 -12.01 -8.99
C PHE A 445 26.76 -11.19 -10.23
N GLU A 446 27.95 -10.61 -10.24
CA GLU A 446 28.45 -9.83 -11.42
C GLU A 446 28.35 -10.69 -12.69
N GLY A 447 27.91 -10.12 -13.80
CA GLY A 447 27.71 -10.90 -15.02
C GLY A 447 26.53 -11.87 -14.99
N LYS A 448 25.79 -12.00 -13.89
CA LYS A 448 24.57 -12.85 -13.87
C LYS A 448 23.30 -11.99 -14.13
N SER A 449 22.16 -12.64 -14.40
CA SER A 449 20.86 -11.94 -14.62
C SER A 449 20.22 -11.60 -13.26
N LEU A 450 19.38 -10.54 -13.25
CA LEU A 450 18.53 -10.19 -12.05
C LEU A 450 17.63 -11.39 -11.70
N TYR A 451 17.11 -12.11 -12.72
CA TYR A 451 16.28 -13.32 -12.45
C TYR A 451 17.06 -14.29 -11.56
N GLU A 452 18.36 -14.48 -11.86
CA GLU A 452 19.15 -15.54 -11.13
C GLU A 452 19.40 -15.11 -9.67
N SER A 453 19.81 -13.88 -9.45
CA SER A 453 20.07 -13.46 -8.10
C SER A 453 18.76 -13.39 -7.27
N TRP A 454 17.69 -12.89 -7.88
CA TRP A 454 16.38 -12.76 -7.18
C TRP A 454 15.88 -14.16 -6.79
N THR A 455 15.95 -15.07 -7.77
CA THR A 455 15.48 -16.48 -7.55
C THR A 455 16.29 -17.15 -6.44
N LYS A 456 17.60 -16.96 -6.47
CA LYS A 456 18.42 -17.50 -5.41
C LYS A 456 18.12 -16.89 -4.03
N LYS A 457 17.97 -15.58 -3.87
CA LYS A 457 17.79 -14.99 -2.50
C LYS A 457 16.34 -15.03 -2.01
N SER A 458 15.36 -15.27 -2.89
CA SER A 458 13.95 -15.20 -2.53
C SER A 458 13.19 -16.29 -3.31
N PRO A 459 13.45 -17.58 -2.99
CA PRO A 459 12.80 -18.67 -3.74
C PRO A 459 11.29 -18.66 -3.52
N SER A 460 10.61 -19.00 -4.59
CA SER A 460 9.21 -19.34 -4.51
C SER A 460 8.94 -20.42 -3.43
N PRO A 461 7.89 -20.26 -2.63
CA PRO A 461 7.48 -21.36 -1.75
C PRO A 461 6.97 -22.57 -2.56
N GLU A 462 6.42 -22.41 -3.78
CA GLU A 462 5.81 -23.57 -4.52
C GLU A 462 6.81 -24.17 -5.52
N PHE A 463 7.39 -23.40 -6.44
CA PHE A 463 8.08 -24.01 -7.59
C PHE A 463 9.59 -23.76 -7.48
N SER A 464 10.32 -24.85 -7.44
CA SER A 464 11.77 -24.79 -7.45
C SER A 464 12.21 -24.06 -8.72
N GLY A 465 13.28 -23.23 -8.65
CA GLY A 465 13.82 -22.58 -9.86
C GLY A 465 13.04 -21.32 -10.27
N MET A 466 12.13 -20.87 -9.39
CA MET A 466 11.39 -19.61 -9.63
C MET A 466 11.41 -18.69 -8.40
N PRO A 467 11.35 -17.37 -8.60
CA PRO A 467 11.31 -16.42 -7.49
C PRO A 467 9.92 -16.20 -6.88
N ARG A 468 9.90 -15.70 -5.66
CA ARG A 468 8.66 -15.34 -5.00
C ARG A 468 8.03 -14.08 -5.66
N ILE A 469 6.76 -14.16 -6.00
CA ILE A 469 5.98 -12.95 -6.37
C ILE A 469 4.71 -12.93 -5.52
N SER A 470 4.48 -11.86 -4.77
CA SER A 470 3.31 -11.83 -3.82
C SER A 470 2.07 -11.24 -4.49
N LYS A 471 0.91 -11.49 -3.85
N LYS A 471 0.90 -11.47 -3.88
CA LYS A 471 -0.36 -10.85 -4.15
CA LYS A 471 -0.35 -10.83 -4.26
C LYS A 471 -0.27 -9.34 -3.86
C LYS A 471 -0.36 -9.37 -3.79
N LEU A 472 -1.11 -8.52 -4.49
CA LEU A 472 -1.24 -7.14 -4.10
C LEU A 472 -2.10 -7.09 -2.84
N GLY A 473 -1.65 -6.31 -1.88
CA GLY A 473 -2.47 -5.83 -0.75
C GLY A 473 -3.01 -4.44 -1.04
N SER A 474 -2.84 -3.53 -0.06
CA SER A 474 -3.22 -2.17 -0.22
C SER A 474 -2.30 -1.25 0.63
N GLY A 475 -2.77 -0.03 0.89
CA GLY A 475 -1.98 1.01 1.50
C GLY A 475 -1.11 1.71 0.47
N ASN A 476 -1.51 1.69 -0.81
CA ASN A 476 -0.84 2.56 -1.80
C ASN A 476 -1.75 2.83 -3.01
N ASP A 477 -1.29 3.64 -3.97
CA ASP A 477 -2.14 4.32 -4.98
C ASP A 477 -2.70 3.41 -6.08
N PHE A 478 -2.29 2.13 -6.08
CA PHE A 478 -2.91 1.16 -7.04
C PHE A 478 -4.31 0.69 -6.62
N GLU A 479 -4.71 0.92 -5.34
CA GLU A 479 -5.96 0.38 -4.80
C GLU A 479 -7.18 0.70 -5.70
N VAL A 480 -7.33 1.96 -6.12
CA VAL A 480 -8.54 2.32 -6.94
C VAL A 480 -8.48 1.61 -8.32
N PHE A 481 -7.27 1.51 -8.87
CA PHE A 481 -7.13 0.92 -10.22
C PHE A 481 -7.47 -0.58 -10.24
N PHE A 482 -6.96 -1.33 -9.23
CA PHE A 482 -7.03 -2.80 -9.14
C PHE A 482 -8.34 -3.26 -8.45
N GLN A 483 -8.53 -2.91 -7.17
CA GLN A 483 -9.67 -3.52 -6.40
C GLN A 483 -11.00 -2.78 -6.66
N ARG A 484 -11.01 -1.50 -7.08
CA ARG A 484 -12.31 -0.84 -7.53
C ARG A 484 -12.58 -1.05 -9.04
N LEU A 485 -11.65 -0.65 -9.92
CA LEU A 485 -11.91 -0.67 -11.42
C LEU A 485 -11.54 -1.98 -12.13
N GLY A 486 -10.60 -2.79 -11.62
CA GLY A 486 -10.24 -4.04 -12.22
C GLY A 486 -9.30 -3.91 -13.42
N ILE A 487 -8.32 -3.00 -13.29
CA ILE A 487 -7.24 -2.83 -14.17
C ILE A 487 -6.01 -3.62 -13.66
N ALA A 488 -5.40 -4.47 -14.53
CA ALA A 488 -4.22 -5.29 -14.18
C ALA A 488 -3.13 -4.39 -13.56
N SER A 489 -2.65 -4.70 -12.34
CA SER A 489 -1.71 -3.80 -11.64
C SER A 489 -0.47 -4.56 -11.11
N GLY A 490 0.59 -3.80 -10.90
CA GLY A 490 1.82 -4.34 -10.25
C GLY A 490 2.70 -3.26 -9.60
N ARG A 491 3.67 -3.69 -8.81
CA ARG A 491 4.63 -2.84 -8.15
C ARG A 491 5.94 -3.64 -7.96
N ALA A 492 7.07 -2.93 -7.86
CA ALA A 492 8.39 -3.53 -7.68
C ALA A 492 9.36 -2.54 -7.00
N ARG A 493 10.25 -3.06 -6.14
CA ARG A 493 11.25 -2.24 -5.41
C ARG A 493 12.35 -3.17 -4.88
N TYR A 494 13.49 -2.63 -4.45
CA TYR A 494 14.53 -3.48 -3.71
C TYR A 494 14.10 -3.57 -2.23
N THR A 495 14.37 -4.72 -1.58
CA THR A 495 13.90 -4.99 -0.23
C THR A 495 15.04 -5.68 0.58
N LYS A 496 14.80 -5.87 1.87
CA LYS A 496 15.72 -6.54 2.81
C LYS A 496 15.47 -8.06 2.82
N ASN A 497 16.33 -8.77 3.51
CA ASN A 497 16.21 -10.22 3.77
C ASN A 497 15.34 -10.28 5.02
N TRP A 498 14.15 -10.84 5.02
CA TRP A 498 13.26 -10.51 6.18
C TRP A 498 13.64 -11.34 7.44
N GLU A 499 14.91 -11.19 7.88
CA GLU A 499 15.59 -11.99 8.93
C GLU A 499 15.53 -11.31 10.28
N THR A 500 16.02 -10.07 10.40
CA THR A 500 15.90 -9.33 11.69
C THR A 500 14.43 -8.84 11.81
N ASN A 501 14.09 -7.56 11.57
CA ASN A 501 12.71 -7.02 11.88
C ASN A 501 11.69 -7.45 10.80
N LYS A 502 11.19 -8.68 10.93
CA LYS A 502 10.47 -9.35 9.83
C LYS A 502 8.97 -8.99 9.86
N PHE A 503 8.57 -7.92 10.58
CA PHE A 503 7.14 -7.58 10.88
C PHE A 503 6.86 -6.07 10.71
N SER A 504 7.58 -5.41 9.80
CA SER A 504 7.56 -3.94 9.70
C SER A 504 8.36 -3.48 8.46
N GLY A 505 8.16 -2.25 8.01
CA GLY A 505 9.01 -1.69 6.99
C GLY A 505 10.34 -1.28 7.61
N TYR A 506 10.93 -0.21 7.13
CA TYR A 506 12.30 0.16 7.55
C TYR A 506 12.23 1.02 8.84
N PRO A 507 13.31 1.03 9.62
CA PRO A 507 13.28 1.69 10.96
C PRO A 507 12.86 3.16 10.86
N LEU A 508 13.31 3.88 9.84
CA LEU A 508 13.07 5.38 9.85
C LEU A 508 11.81 5.79 9.06
N TYR A 509 10.90 4.84 8.79
CA TYR A 509 9.63 5.06 8.10
C TYR A 509 8.80 6.21 8.69
N HIS A 510 8.54 7.24 7.88
CA HIS A 510 7.59 8.36 8.24
C HIS A 510 8.13 9.24 9.39
N SER A 511 9.46 9.30 9.52
CA SER A 511 10.20 10.02 10.53
C SER A 511 10.93 11.22 9.87
N VAL A 512 11.33 12.25 10.66
CA VAL A 512 12.11 13.39 10.14
C VAL A 512 13.48 12.90 9.66
N TYR A 513 13.93 11.70 10.10
CA TYR A 513 15.32 11.17 9.77
C TYR A 513 15.36 10.56 8.37
N GLU A 514 14.22 10.43 7.68
CA GLU A 514 14.20 9.93 6.28
C GLU A 514 14.71 11.02 5.32
N THR A 515 16.00 11.01 5.01
CA THR A 515 16.65 12.10 4.29
C THR A 515 17.37 11.57 3.04
N TYR A 516 17.76 12.47 2.14
CA TYR A 516 18.74 12.19 1.06
C TYR A 516 19.96 11.46 1.66
N GLU A 517 20.45 11.95 2.80
CA GLU A 517 21.69 11.39 3.39
C GLU A 517 21.47 9.95 3.82
N LEU A 518 20.29 9.66 4.38
CA LEU A 518 19.92 8.27 4.71
C LEU A 518 20.20 7.35 3.52
N VAL A 519 19.74 7.78 2.34
CA VAL A 519 19.84 6.93 1.13
C VAL A 519 21.29 6.88 0.59
N GLU A 520 21.91 8.05 0.43
CA GLU A 520 23.23 8.17 -0.22
C GLU A 520 24.32 7.51 0.65
N LYS A 521 24.19 7.58 1.98
CA LYS A 521 25.23 7.02 2.87
C LYS A 521 24.95 5.55 3.20
N PHE A 522 23.69 5.11 3.45
CA PHE A 522 23.48 3.77 4.04
C PHE A 522 22.73 2.80 3.12
N TYR A 523 21.86 3.22 2.19
CA TYR A 523 21.00 2.24 1.43
C TYR A 523 21.63 1.97 0.07
N ASP A 524 22.04 3.03 -0.63
CA ASP A 524 22.40 2.84 -2.11
C ASP A 524 23.40 3.89 -2.58
N PRO A 525 24.64 3.83 -2.05
CA PRO A 525 25.60 4.88 -2.39
C PRO A 525 25.88 5.00 -3.90
N MET A 526 25.83 3.95 -4.71
N MET A 526 25.83 3.90 -4.66
CA MET A 526 26.10 4.12 -6.15
CA MET A 526 26.10 3.88 -6.11
C MET A 526 24.80 4.34 -6.94
C MET A 526 24.80 4.10 -6.94
N PHE A 527 23.64 4.27 -6.29
CA PHE A 527 22.35 4.41 -6.97
C PHE A 527 22.11 3.24 -7.93
N LYS A 528 22.76 2.09 -7.70
CA LYS A 528 22.61 0.94 -8.63
C LYS A 528 21.31 0.16 -8.33
N TYR A 529 20.83 0.16 -7.09
CA TYR A 529 19.54 -0.49 -6.82
C TYR A 529 18.43 0.39 -7.42
N HIS A 530 18.53 1.72 -7.27
CA HIS A 530 17.56 2.62 -7.94
C HIS A 530 17.54 2.39 -9.46
N LEU A 531 18.72 2.29 -10.10
CA LEU A 531 18.78 2.06 -11.54
C LEU A 531 18.13 0.72 -11.90
N THR A 532 18.37 -0.32 -11.12
CA THR A 532 17.75 -1.61 -11.40
C THR A 532 16.21 -1.48 -11.30
N VAL A 533 15.69 -0.82 -10.26
CA VAL A 533 14.24 -0.65 -10.09
C VAL A 533 13.69 0.22 -11.24
N ALA A 534 14.42 1.24 -11.69
CA ALA A 534 13.98 1.99 -12.91
C ALA A 534 13.87 1.10 -14.17
N GLN A 535 14.79 0.19 -14.35
CA GLN A 535 14.76 -0.79 -15.50
C GLN A 535 13.58 -1.77 -15.34
N VAL A 536 13.24 -2.17 -14.10
CA VAL A 536 12.09 -3.08 -13.91
C VAL A 536 10.78 -2.34 -14.21
N ARG A 537 10.51 -1.25 -13.50
CA ARG A 537 9.27 -0.44 -13.71
C ARG A 537 9.19 0.05 -15.18
N GLY A 538 10.26 0.67 -15.64
CA GLY A 538 10.31 1.20 -17.00
C GLY A 538 10.16 0.12 -18.08
N GLY A 539 10.92 -0.96 -17.93
CA GLY A 539 10.79 -2.10 -18.83
C GLY A 539 9.38 -2.68 -18.87
N MET A 540 8.70 -2.77 -17.70
CA MET A 540 7.33 -3.31 -17.70
C MET A 540 6.38 -2.37 -18.44
N VAL A 541 6.52 -1.07 -18.24
CA VAL A 541 5.70 -0.08 -18.94
C VAL A 541 6.00 -0.15 -20.46
N PHE A 542 7.29 -0.31 -20.84
CA PHE A 542 7.69 -0.31 -22.29
C PHE A 542 6.97 -1.46 -23.02
N GLU A 543 7.08 -2.68 -22.46
CA GLU A 543 6.42 -3.88 -23.01
C GLU A 543 4.90 -3.75 -23.08
N LEU A 544 4.23 -3.31 -21.98
CA LEU A 544 2.78 -3.17 -21.95
C LEU A 544 2.32 -2.20 -23.05
N ALA A 545 3.12 -1.17 -23.27
CA ALA A 545 2.76 -0.12 -24.23
C ALA A 545 3.20 -0.46 -25.65
N ASN A 546 4.14 -1.39 -25.86
CA ASN A 546 4.69 -1.53 -27.23
C ASN A 546 4.53 -2.93 -27.83
N SER A 547 4.33 -3.95 -27.01
CA SER A 547 4.16 -5.27 -27.55
C SER A 547 2.85 -5.36 -28.38
N ILE A 548 2.94 -6.06 -29.52
CA ILE A 548 1.80 -6.17 -30.47
C ILE A 548 0.63 -6.93 -29.81
N VAL A 549 0.94 -8.06 -29.17
CA VAL A 549 0.01 -8.82 -28.30
C VAL A 549 0.30 -8.39 -26.87
N LEU A 550 -0.71 -7.97 -26.11
CA LEU A 550 -0.50 -7.65 -24.67
C LEU A 550 0.19 -8.84 -23.99
N PRO A 551 1.22 -8.59 -23.16
CA PRO A 551 2.05 -9.53 -22.40
C PRO A 551 1.42 -10.03 -21.08
N PHE A 552 0.19 -10.52 -21.24
CA PHE A 552 -0.50 -11.22 -20.16
C PHE A 552 -0.68 -12.71 -20.49
N ASP A 553 -0.46 -13.58 -19.50
CA ASP A 553 -0.71 -15.01 -19.70
C ASP A 553 -1.85 -15.50 -18.79
N CYS A 554 -3.03 -15.68 -19.38
CA CYS A 554 -4.26 -16.05 -18.68
C CYS A 554 -4.08 -17.39 -17.93
N ARG A 555 -3.17 -18.24 -18.40
CA ARG A 555 -2.98 -19.55 -17.77
C ARG A 555 -2.38 -19.40 -16.34
N ASP A 556 -1.58 -18.36 -16.11
CA ASP A 556 -1.07 -18.12 -14.77
C ASP A 556 -2.18 -17.83 -13.75
N TYR A 557 -3.24 -17.15 -14.20
CA TYR A 557 -4.42 -16.91 -13.36
C TYR A 557 -5.04 -18.26 -13.01
N ALA A 558 -5.02 -19.22 -13.97
CA ALA A 558 -5.72 -20.51 -13.74
C ALA A 558 -5.05 -21.28 -12.60
N VAL A 559 -3.73 -21.25 -12.60
CA VAL A 559 -2.92 -21.96 -11.58
C VAL A 559 -3.16 -21.31 -10.17
N VAL A 560 -3.16 -20.00 -10.05
CA VAL A 560 -3.33 -19.46 -8.67
C VAL A 560 -4.77 -19.65 -8.18
N LEU A 561 -5.77 -19.61 -9.07
CA LEU A 561 -7.16 -19.80 -8.67
C LEU A 561 -7.33 -21.19 -8.02
N ARG A 562 -6.65 -22.23 -8.54
CA ARG A 562 -6.70 -23.58 -7.94
C ARG A 562 -6.08 -23.55 -6.53
N LYS A 563 -4.88 -22.95 -6.39
CA LYS A 563 -4.27 -22.68 -5.06
C LYS A 563 -5.26 -22.00 -4.08
N TYR A 564 -5.90 -20.88 -4.50
CA TYR A 564 -6.80 -20.10 -3.60
C TYR A 564 -8.03 -20.96 -3.23
N ALA A 565 -8.53 -21.78 -4.15
CA ALA A 565 -9.67 -22.64 -3.87
C ALA A 565 -9.28 -23.74 -2.88
N ASP A 566 -8.13 -24.40 -3.10
CA ASP A 566 -7.63 -25.39 -2.09
C ASP A 566 -7.53 -24.73 -0.71
N LYS A 567 -7.03 -23.50 -0.65
CA LYS A 567 -6.80 -22.85 0.63
C LYS A 567 -8.13 -22.58 1.35
N ILE A 568 -9.08 -21.98 0.66
CA ILE A 568 -10.35 -21.58 1.33
C ILE A 568 -11.16 -22.86 1.71
N TYR A 569 -11.23 -23.86 0.83
CA TYR A 569 -11.78 -25.18 1.22
C TYR A 569 -11.13 -25.72 2.51
N SER A 570 -9.80 -25.66 2.63
CA SER A 570 -9.09 -26.16 3.86
C SER A 570 -9.57 -25.44 5.12
N ILE A 571 -9.73 -24.10 5.04
CA ILE A 571 -10.27 -23.34 6.19
C ILE A 571 -11.68 -23.86 6.53
N SER A 572 -12.55 -24.07 5.54
CA SER A 572 -13.92 -24.52 5.82
C SER A 572 -13.91 -25.91 6.50
N MET A 573 -12.96 -26.77 6.09
CA MET A 573 -12.93 -28.21 6.50
C MET A 573 -12.43 -28.36 7.94
N LYS A 574 -12.09 -27.30 8.64
CA LYS A 574 -11.93 -27.33 10.08
C LYS A 574 -13.30 -27.49 10.78
N HIS A 575 -14.42 -27.40 10.06
CA HIS A 575 -15.82 -27.49 10.62
C HIS A 575 -16.66 -28.57 9.91
N PRO A 576 -16.18 -29.82 9.97
CA PRO A 576 -16.82 -30.89 9.18
C PRO A 576 -18.27 -31.13 9.59
N GLN A 577 -18.59 -31.05 10.89
CA GLN A 577 -19.99 -31.35 11.31
C GLN A 577 -20.93 -30.29 10.74
N GLU A 578 -20.52 -29.03 10.71
CA GLU A 578 -21.42 -27.96 10.20
C GLU A 578 -21.51 -28.05 8.67
N MET A 579 -20.41 -28.45 8.02
CA MET A 579 -20.47 -28.58 6.56
C MET A 579 -21.52 -29.67 6.20
N LYS A 580 -21.58 -30.73 7.02
CA LYS A 580 -22.63 -31.81 6.81
C LYS A 580 -24.04 -31.27 7.08
N THR A 581 -24.20 -30.62 8.24
CA THR A 581 -25.56 -30.21 8.69
C THR A 581 -26.16 -29.20 7.72
N TYR A 582 -25.37 -28.23 7.24
CA TYR A 582 -25.91 -27.15 6.33
C TYR A 582 -25.60 -27.40 4.86
N SER A 583 -25.13 -28.62 4.49
CA SER A 583 -24.89 -28.98 3.08
C SER A 583 -24.00 -27.94 2.38
N VAL A 584 -22.85 -27.66 2.99
CA VAL A 584 -21.85 -26.73 2.46
C VAL A 584 -20.96 -27.47 1.46
N SER A 585 -21.11 -27.14 0.19
CA SER A 585 -20.27 -27.69 -0.88
C SER A 585 -19.49 -26.59 -1.63
N PHE A 586 -18.22 -26.91 -1.90
CA PHE A 586 -17.27 -26.13 -2.75
C PHE A 586 -17.24 -26.69 -4.19
N ASP A 587 -18.06 -27.69 -4.49
CA ASP A 587 -18.07 -28.30 -5.87
C ASP A 587 -18.24 -27.29 -7.01
N SER A 588 -19.14 -26.35 -6.85
CA SER A 588 -19.32 -25.35 -7.91
C SER A 588 -18.05 -24.48 -8.11
N LEU A 589 -17.36 -24.12 -7.05
CA LEU A 589 -16.13 -23.30 -7.20
C LEU A 589 -15.02 -24.10 -7.93
N PHE A 590 -14.79 -25.36 -7.50
CA PHE A 590 -13.75 -26.21 -8.15
C PHE A 590 -14.12 -26.47 -9.62
N SER A 591 -15.39 -26.72 -9.89
CA SER A 591 -15.92 -26.81 -11.30
C SER A 591 -15.59 -25.55 -12.14
N ALA A 592 -15.92 -24.38 -11.61
CA ALA A 592 -15.60 -23.10 -12.28
C ALA A 592 -14.08 -22.97 -12.55
N VAL A 593 -13.25 -23.31 -11.57
CA VAL A 593 -11.76 -23.19 -11.73
C VAL A 593 -11.24 -24.16 -12.81
N LYS A 594 -11.73 -25.37 -12.80
CA LYS A 594 -11.48 -26.38 -13.88
C LYS A 594 -11.88 -25.81 -15.25
N ASN A 595 -13.08 -25.24 -15.36
CA ASN A 595 -13.49 -24.67 -16.65
C ASN A 595 -12.56 -23.52 -17.06
N PHE A 596 -12.21 -22.67 -16.08
CA PHE A 596 -11.30 -21.54 -16.41
C PHE A 596 -9.98 -22.10 -16.98
N THR A 597 -9.46 -23.16 -16.36
CA THR A 597 -8.17 -23.79 -16.78
C THR A 597 -8.25 -24.29 -18.23
N GLU A 598 -9.36 -24.95 -18.56
CA GLU A 598 -9.50 -25.54 -19.88
C GLU A 598 -9.75 -24.41 -20.90
N ILE A 599 -10.60 -23.42 -20.58
CA ILE A 599 -10.88 -22.35 -21.56
C ILE A 599 -9.63 -21.48 -21.80
N ALA A 600 -8.86 -21.23 -20.77
CA ALA A 600 -7.60 -20.43 -20.87
C ALA A 600 -6.58 -21.17 -21.75
N SER A 601 -6.51 -22.47 -21.59
CA SER A 601 -5.60 -23.28 -22.40
C SER A 601 -5.97 -23.17 -23.90
N LYS A 602 -7.24 -23.30 -24.26
CA LYS A 602 -7.65 -23.20 -25.63
C LYS A 602 -7.45 -21.78 -26.17
N PHE A 603 -7.69 -20.78 -25.33
CA PHE A 603 -7.47 -19.36 -25.72
C PHE A 603 -6.00 -19.14 -26.08
N SER A 604 -5.10 -19.66 -25.26
CA SER A 604 -3.64 -19.54 -25.53
C SER A 604 -3.27 -20.14 -26.88
N GLU A 605 -3.81 -21.28 -27.24
CA GLU A 605 -3.53 -21.87 -28.56
C GLU A 605 -3.96 -20.90 -29.69
N ARG A 606 -5.19 -20.36 -29.56
CA ARG A 606 -5.70 -19.48 -30.60
C ARG A 606 -4.77 -18.27 -30.66
N LEU A 607 -4.35 -17.77 -29.50
CA LEU A 607 -3.52 -16.55 -29.50
C LEU A 607 -2.18 -16.82 -30.22
N GLN A 608 -1.75 -18.07 -30.22
CA GLN A 608 -0.54 -18.41 -30.94
C GLN A 608 -0.80 -18.61 -32.45
N ASP A 609 -1.97 -19.01 -32.93
CA ASP A 609 -2.24 -19.10 -34.39
C ASP A 609 -3.05 -17.95 -35.10
N PHE A 610 -2.50 -16.82 -35.62
CA PHE A 610 -3.37 -15.80 -36.33
C PHE A 610 -2.46 -14.62 -36.80
N SER A 613 -1.45 -11.60 -39.88
N SER A 613 -1.19 -9.40 -38.51
CA SER A 613 -1.87 -10.57 -40.72
CA SER A 613 -1.28 -8.15 -39.37
C SER A 613 -3.24 -9.93 -40.32
C SER A 613 -2.73 -7.85 -39.86
N ASN A 614 -4.00 -10.33 -39.29
N ASN A 614 -3.77 -8.48 -39.30
CA ASN A 614 -5.40 -9.74 -39.13
CA ASN A 614 -5.19 -8.14 -39.55
C ASN A 614 -5.57 -8.90 -37.85
C ASN A 614 -5.68 -7.18 -38.43
N PRO A 615 -5.69 -7.55 -37.99
N PRO A 615 -5.77 -5.83 -38.67
CA PRO A 615 -5.70 -6.61 -36.86
CA PRO A 615 -5.88 -4.99 -37.46
C PRO A 615 -7.02 -6.60 -36.06
C PRO A 615 -7.13 -5.25 -36.59
N ILE A 616 -8.14 -6.99 -36.70
N ILE A 616 -8.29 -5.58 -37.15
CA ILE A 616 -9.38 -7.13 -35.96
CA ILE A 616 -9.49 -5.64 -36.27
C ILE A 616 -9.24 -8.35 -35.01
C ILE A 616 -9.51 -6.99 -35.56
N VAL A 617 -8.92 -9.52 -35.55
N VAL A 617 -8.82 -7.99 -36.11
CA VAL A 617 -8.72 -10.69 -34.70
CA VAL A 617 -8.72 -9.30 -35.43
C VAL A 617 -7.73 -10.29 -33.59
C VAL A 617 -7.71 -9.19 -34.28
N LEU A 618 -6.71 -9.51 -33.97
N LEU A 618 -6.61 -8.48 -34.47
CA LEU A 618 -5.74 -9.05 -32.98
CA LEU A 618 -5.66 -8.30 -33.39
C LEU A 618 -6.51 -8.26 -31.88
C LEU A 618 -6.43 -7.68 -32.19
N ARG A 619 -7.08 -7.13 -32.30
N ARG A 619 -7.28 -6.71 -32.48
CA ARG A 619 -7.70 -6.13 -31.41
CA ARG A 619 -7.90 -5.91 -31.41
C ARG A 619 -8.83 -6.80 -30.58
C ARG A 619 -8.86 -6.79 -30.56
N MET A 620 -9.52 -7.78 -31.18
CA MET A 620 -10.50 -8.65 -30.47
C MET A 620 -9.76 -9.44 -29.38
N MET A 621 -8.65 -10.09 -29.72
CA MET A 621 -7.94 -10.91 -28.74
C MET A 621 -7.22 -10.04 -27.66
N ASN A 622 -6.66 -8.88 -28.02
CA ASN A 622 -6.04 -7.93 -27.05
C ASN A 622 -7.12 -7.40 -26.09
N ASP A 623 -8.34 -7.17 -26.60
CA ASP A 623 -9.47 -6.75 -25.75
C ASP A 623 -9.90 -7.87 -24.77
N GLN A 624 -9.89 -9.13 -25.22
CA GLN A 624 -10.17 -10.27 -24.32
C GLN A 624 -9.08 -10.29 -23.20
N LEU A 625 -7.82 -10.03 -23.54
CA LEU A 625 -6.76 -9.99 -22.50
C LEU A 625 -6.96 -8.79 -21.56
N MET A 626 -7.29 -7.61 -22.08
CA MET A 626 -7.41 -6.40 -21.27
C MET A 626 -8.62 -6.53 -20.30
N PHE A 627 -9.73 -7.08 -20.80
CA PHE A 627 -11.01 -7.19 -20.06
C PHE A 627 -11.08 -8.42 -19.14
N LEU A 628 -10.01 -9.23 -19.09
CA LEU A 628 -10.01 -10.39 -18.23
C LEU A 628 -9.88 -9.97 -16.75
N GLU A 629 -8.93 -9.11 -16.39
CA GLU A 629 -8.90 -8.56 -15.01
C GLU A 629 -10.26 -7.91 -14.69
N ARG A 630 -10.84 -7.19 -15.64
CA ARG A 630 -12.13 -6.45 -15.47
C ARG A 630 -13.29 -7.40 -15.12
N ALA A 631 -13.25 -8.60 -15.66
CA ALA A 631 -14.29 -9.64 -15.44
C ALA A 631 -14.39 -10.06 -13.97
N PHE A 632 -13.32 -9.91 -13.19
CA PHE A 632 -13.39 -10.30 -11.77
C PHE A 632 -14.11 -9.26 -10.92
N ILE A 633 -14.56 -8.14 -11.50
CA ILE A 633 -15.26 -7.07 -10.74
C ILE A 633 -16.75 -7.43 -10.58
N ASP A 634 -17.28 -7.23 -9.39
CA ASP A 634 -18.74 -7.35 -9.10
C ASP A 634 -19.26 -5.96 -8.82
N PRO A 635 -20.21 -5.50 -9.60
CA PRO A 635 -20.68 -4.11 -9.45
C PRO A 635 -21.41 -3.88 -8.10
N LEU A 636 -21.81 -4.96 -7.40
CA LEU A 636 -22.45 -4.84 -6.08
C LEU A 636 -21.39 -4.77 -4.97
N GLY A 637 -20.09 -4.99 -5.26
CA GLY A 637 -19.10 -4.87 -4.26
C GLY A 637 -19.12 -6.01 -3.22
N LEU A 638 -18.19 -5.95 -2.27
CA LEU A 638 -18.16 -6.93 -1.19
C LEU A 638 -19.01 -6.44 -0.01
N PRO A 639 -19.44 -7.33 0.90
CA PRO A 639 -20.38 -6.86 1.95
C PRO A 639 -19.84 -5.70 2.81
N ASP A 640 -20.65 -4.65 2.90
CA ASP A 640 -20.34 -3.38 3.54
C ASP A 640 -19.09 -2.68 3.07
N ARG A 641 -18.50 -3.11 1.94
CA ARG A 641 -17.29 -2.42 1.39
C ARG A 641 -17.54 -2.26 -0.11
N PRO A 642 -18.38 -1.30 -0.44
CA PRO A 642 -18.83 -1.21 -1.83
C PRO A 642 -17.74 -0.79 -2.82
N PHE A 643 -16.57 -0.28 -2.33
CA PHE A 643 -15.51 0.15 -3.24
C PHE A 643 -14.45 -0.95 -3.35
N TYR A 644 -14.66 -2.10 -2.69
CA TYR A 644 -13.84 -3.29 -2.94
C TYR A 644 -14.67 -4.29 -3.77
N ARG A 645 -14.44 -4.27 -5.08
CA ARG A 645 -15.34 -4.90 -6.07
C ARG A 645 -14.71 -6.17 -6.70
N HIS A 646 -13.41 -6.36 -6.56
CA HIS A 646 -12.71 -7.49 -7.10
C HIS A 646 -13.06 -8.72 -6.24
N VAL A 647 -13.55 -9.80 -6.87
CA VAL A 647 -14.02 -11.01 -6.10
C VAL A 647 -12.84 -11.92 -5.72
N ILE A 648 -11.71 -11.89 -6.45
CA ILE A 648 -10.53 -12.77 -6.04
C ILE A 648 -9.65 -12.14 -4.96
N TYR A 649 -9.41 -10.81 -5.03
CA TYR A 649 -8.49 -10.06 -4.16
C TYR A 649 -9.17 -8.83 -3.50
N ALA A 650 -9.09 -8.76 -2.18
CA ALA A 650 -9.31 -7.49 -1.44
C ALA A 650 -8.22 -7.34 -0.34
N PRO A 651 -8.13 -6.14 0.23
CA PRO A 651 -7.30 -5.90 1.35
C PRO A 651 -7.93 -6.66 2.52
N SER A 652 -7.10 -7.30 3.37
CA SER A 652 -7.55 -7.99 4.52
C SER A 652 -8.36 -7.06 5.42
N SER A 653 -9.46 -7.57 5.89
CA SER A 653 -10.34 -6.83 6.85
C SER A 653 -9.64 -6.56 8.19
N HIS A 654 -8.58 -7.28 8.44
CA HIS A 654 -7.79 -7.17 9.66
C HIS A 654 -6.48 -6.39 9.41
N ASN A 655 -6.11 -6.12 8.15
CA ASN A 655 -4.79 -5.48 7.88
C ASN A 655 -4.74 -4.96 6.43
N LYS A 656 -4.96 -3.65 6.23
CA LYS A 656 -5.05 -3.06 4.86
C LYS A 656 -3.79 -3.36 4.05
N TYR A 657 -2.63 -3.61 4.72
CA TYR A 657 -1.37 -3.84 3.95
C TYR A 657 -1.40 -5.20 3.26
N ALA A 658 -2.04 -6.21 3.86
CA ALA A 658 -2.06 -7.60 3.36
C ALA A 658 -3.25 -7.83 2.40
N GLY A 659 -3.00 -8.63 1.40
CA GLY A 659 -3.97 -9.13 0.51
C GLY A 659 -4.64 -10.40 1.04
N GLU A 660 -5.93 -10.51 0.77
CA GLU A 660 -6.65 -11.75 1.04
C GLU A 660 -7.25 -12.29 -0.26
N SER A 661 -7.22 -13.61 -0.44
CA SER A 661 -7.83 -14.28 -1.62
C SER A 661 -9.24 -14.80 -1.28
N PHE A 662 -10.16 -14.80 -2.26
CA PHE A 662 -11.63 -15.15 -2.05
C PHE A 662 -12.10 -14.49 -0.74
N PRO A 663 -11.92 -13.17 -0.65
CA PRO A 663 -12.21 -12.34 0.55
C PRO A 663 -13.65 -12.50 1.05
N GLY A 664 -14.64 -12.64 0.16
CA GLY A 664 -16.04 -12.73 0.63
C GLY A 664 -16.28 -14.00 1.46
N ILE A 665 -15.72 -15.09 0.95
CA ILE A 665 -15.78 -16.41 1.62
C ILE A 665 -14.90 -16.36 2.89
N TYR A 666 -13.66 -15.82 2.81
CA TYR A 666 -12.77 -15.81 3.97
C TYR A 666 -13.47 -15.13 5.16
N ASP A 667 -14.05 -13.94 4.90
CA ASP A 667 -14.71 -13.17 5.97
C ASP A 667 -15.98 -13.88 6.46
N ALA A 668 -16.70 -14.56 5.59
CA ALA A 668 -17.91 -15.28 6.10
C ALA A 668 -17.53 -16.39 7.09
N LEU A 669 -16.38 -17.02 6.83
CA LEU A 669 -15.82 -18.11 7.67
C LEU A 669 -15.07 -17.64 8.92
N PHE A 670 -14.56 -16.41 8.93
CA PHE A 670 -13.70 -15.96 10.05
C PHE A 670 -14.48 -15.95 11.37
N ASP A 671 -13.90 -16.65 12.36
CA ASP A 671 -14.44 -16.75 13.70
C ASP A 671 -15.90 -17.27 13.77
N ILE A 672 -16.27 -18.09 12.76
CA ILE A 672 -17.66 -18.47 12.55
C ILE A 672 -18.19 -19.23 13.79
N GLU A 673 -17.29 -19.97 14.52
CA GLU A 673 -17.67 -20.77 15.70
C GLU A 673 -18.15 -19.86 16.84
N SER A 674 -17.93 -18.54 16.79
N SER A 674 -17.90 -18.54 16.77
CA SER A 674 -18.43 -17.63 17.83
CA SER A 674 -18.38 -17.60 17.78
C SER A 674 -19.79 -17.07 17.45
C SER A 674 -19.80 -17.13 17.48
N LYS A 675 -20.29 -17.29 16.26
CA LYS A 675 -21.58 -16.65 15.85
C LYS A 675 -22.78 -17.31 16.55
N VAL A 676 -23.76 -16.49 16.86
CA VAL A 676 -24.85 -16.91 17.74
C VAL A 676 -25.83 -17.76 16.91
N ASP A 677 -26.04 -17.42 15.63
CA ASP A 677 -26.96 -18.13 14.77
C ASP A 677 -26.21 -18.85 13.61
N PRO A 678 -25.75 -20.08 13.86
CA PRO A 678 -24.87 -20.81 12.97
C PRO A 678 -25.54 -21.06 11.61
N SER A 679 -26.84 -21.29 11.66
CA SER A 679 -27.58 -21.51 10.45
C SER A 679 -27.50 -20.29 9.53
N LYS A 680 -27.66 -19.10 10.09
CA LYS A 680 -27.58 -17.91 9.30
C LYS A 680 -26.11 -17.70 8.84
N ALA A 681 -25.13 -17.95 9.70
CA ALA A 681 -23.73 -17.68 9.34
C ALA A 681 -23.25 -18.65 8.23
N TRP A 682 -23.66 -19.93 8.29
CA TRP A 682 -23.27 -20.93 7.26
C TRP A 682 -24.06 -20.68 5.97
N GLY A 683 -25.26 -20.13 6.10
CA GLY A 683 -26.00 -19.66 4.93
C GLY A 683 -25.22 -18.60 4.15
N GLU A 684 -24.62 -17.65 4.86
CA GLU A 684 -23.83 -16.60 4.19
C GLU A 684 -22.54 -17.20 3.59
N VAL A 685 -21.94 -18.21 4.20
CA VAL A 685 -20.76 -18.91 3.56
C VAL A 685 -21.18 -19.43 2.16
N LYS A 686 -22.31 -20.14 2.13
CA LYS A 686 -22.81 -20.72 0.89
C LYS A 686 -23.12 -19.61 -0.15
N ARG A 687 -23.73 -18.48 0.29
CA ARG A 687 -23.95 -17.38 -0.64
C ARG A 687 -22.62 -16.90 -1.27
N GLN A 688 -21.56 -16.79 -0.47
CA GLN A 688 -20.28 -16.30 -0.97
C GLN A 688 -19.64 -17.35 -1.92
N ILE A 689 -19.84 -18.67 -1.64
CA ILE A 689 -19.36 -19.70 -2.58
C ILE A 689 -20.01 -19.50 -3.95
N TYR A 690 -21.31 -19.35 -3.97
CA TYR A 690 -22.08 -19.09 -5.22
C TYR A 690 -21.52 -17.87 -5.95
N VAL A 691 -21.35 -16.78 -5.24
CA VAL A 691 -20.84 -15.52 -5.93
C VAL A 691 -19.45 -15.75 -6.57
N ALA A 692 -18.55 -16.40 -5.82
CA ALA A 692 -17.19 -16.67 -6.31
C ALA A 692 -17.22 -17.62 -7.51
N ALA A 693 -17.94 -18.75 -7.39
CA ALA A 693 -18.07 -19.72 -8.54
C ALA A 693 -18.63 -19.02 -9.80
N PHE A 694 -19.74 -18.29 -9.62
CA PHE A 694 -20.37 -17.59 -10.74
C PHE A 694 -19.31 -16.67 -11.36
N THR A 695 -18.62 -15.92 -10.51
CA THR A 695 -17.72 -14.85 -11.09
C THR A 695 -16.54 -15.46 -11.87
N VAL A 696 -15.94 -16.56 -11.31
CA VAL A 696 -14.86 -17.27 -11.97
C VAL A 696 -15.35 -17.82 -13.32
N GLN A 697 -16.54 -18.45 -13.34
CA GLN A 697 -17.10 -19.01 -14.62
C GLN A 697 -17.36 -17.85 -15.60
N ALA A 698 -17.87 -16.70 -15.11
CA ALA A 698 -18.17 -15.62 -16.05
C ALA A 698 -16.89 -15.04 -16.67
N ALA A 699 -15.83 -14.95 -15.86
CA ALA A 699 -14.48 -14.49 -16.34
C ALA A 699 -13.92 -15.49 -17.39
N ALA A 700 -13.97 -16.78 -17.10
CA ALA A 700 -13.55 -17.80 -18.09
C ALA A 700 -14.26 -17.60 -19.44
N GLU A 701 -15.57 -17.36 -19.41
CA GLU A 701 -16.39 -17.25 -20.66
C GLU A 701 -16.02 -16.01 -21.49
N THR A 702 -15.39 -14.98 -20.92
CA THR A 702 -14.90 -13.84 -21.74
C THR A 702 -13.74 -14.28 -22.63
N LEU A 703 -13.10 -15.40 -22.34
CA LEU A 703 -12.02 -15.96 -23.14
C LEU A 703 -12.52 -17.03 -24.15
N SER A 704 -13.80 -17.48 -24.07
CA SER A 704 -14.39 -18.36 -25.12
C SER A 704 -14.41 -17.63 -26.47
N GLU A 705 -14.56 -18.35 -27.57
CA GLU A 705 -14.76 -17.67 -28.85
C GLU A 705 -15.99 -16.78 -28.75
N VAL A 706 -15.95 -15.65 -29.43
CA VAL A 706 -16.90 -14.57 -29.09
C VAL A 706 -18.27 -14.80 -29.73
N ALA A 707 -18.37 -15.69 -30.71
CA ALA A 707 -19.63 -15.88 -31.44
C ALA A 707 -19.54 -17.21 -32.18
#